data_3LEU
#
_entry.id   3LEU
#
_cell.length_a   1.000
_cell.length_b   1.000
_cell.length_c   1.000
_cell.angle_alpha   90.00
_cell.angle_beta   90.00
_cell.angle_gamma   90.00
#
_symmetry.space_group_name_H-M   'P 1'
#
_entity_poly.entity_id   1
_entity_poly.type   'polypeptide(L)'
_entity_poly.pdbx_seq_one_letter_code
;KYYGNGVHCTKSGCSVNWGEAFSAGVHRLANGGNGFW
;
_entity_poly.pdbx_strand_id   A
#
# COMPACT_ATOMS: atom_id res chain seq x y z
N LYS A 1 0.53 -6.04 -0.49
CA LYS A 1 -0.21 -4.93 0.10
C LYS A 1 0.56 -3.63 -0.07
N TYR A 2 -0.15 -2.53 0.05
CA TYR A 2 0.46 -1.20 -0.07
C TYR A 2 0.06 -0.32 1.09
N TYR A 3 -0.03 -0.91 2.26
CA TYR A 3 -0.30 -0.16 3.50
C TYR A 3 0.97 0.10 4.27
N GLY A 4 2.08 0.19 3.57
CA GLY A 4 3.39 0.32 4.21
C GLY A 4 4.34 -0.76 3.70
N ASN A 5 5.53 -0.34 3.32
CA ASN A 5 6.50 -1.24 2.69
C ASN A 5 6.03 -1.64 1.31
N GLY A 6 6.91 -1.57 0.33
CA GLY A 6 6.52 -1.77 -1.06
C GLY A 6 5.92 -0.53 -1.69
N VAL A 7 5.75 0.52 -0.91
CA VAL A 7 5.09 1.76 -1.32
C VAL A 7 5.49 2.22 -2.71
N HIS A 8 6.74 2.02 -3.08
CA HIS A 8 7.27 2.55 -4.34
C HIS A 8 7.15 4.05 -4.38
N CYS A 9 8.05 4.72 -3.69
CA CYS A 9 8.09 6.18 -3.68
C CYS A 9 8.07 6.74 -5.09
N THR A 10 7.04 7.48 -5.40
CA THR A 10 6.84 8.01 -6.75
C THR A 10 7.28 9.45 -6.84
N LYS A 11 8.36 9.77 -6.16
CA LYS A 11 8.94 11.12 -6.22
C LYS A 11 7.91 12.16 -5.88
N SER A 12 7.09 11.86 -4.88
CA SER A 12 5.98 12.74 -4.51
C SER A 12 5.12 12.11 -3.45
N GLY A 13 5.78 11.51 -2.46
CA GLY A 13 5.08 10.83 -1.38
C GLY A 13 5.43 9.35 -1.35
N CYS A 14 5.81 8.87 -0.20
CA CYS A 14 6.14 7.45 -0.01
C CYS A 14 4.94 6.67 0.46
N SER A 15 4.71 6.69 1.76
CA SER A 15 3.69 5.90 2.43
C SER A 15 2.44 5.69 1.61
N VAL A 16 1.99 6.75 0.97
CA VAL A 16 0.87 6.69 0.02
C VAL A 16 -0.31 5.93 0.56
N ASN A 17 -0.99 6.50 1.54
CA ASN A 17 -2.26 5.93 2.02
C ASN A 17 -3.37 6.32 1.06
N TRP A 18 -4.28 5.40 0.80
CA TRP A 18 -5.31 5.63 -0.22
C TRP A 18 -6.45 6.46 0.34
N GLY A 19 -6.78 6.25 1.60
CA GLY A 19 -7.78 7.07 2.28
C GLY A 19 -7.21 8.43 2.62
N GLU A 20 -5.96 8.45 3.02
CA GLU A 20 -5.23 9.69 3.27
C GLU A 20 -4.86 10.39 1.99
N ALA A 21 -4.95 9.73 0.86
CA ALA A 21 -4.72 10.36 -0.44
C ALA A 21 -5.95 11.10 -0.92
N PHE A 22 -7.11 10.70 -0.42
CA PHE A 22 -8.35 11.43 -0.68
C PHE A 22 -8.46 12.61 0.28
N SER A 23 -7.87 12.45 1.45
CA SER A 23 -7.74 13.55 2.41
C SER A 23 -6.60 14.46 2.01
N ALA A 24 -5.62 13.89 1.31
CA ALA A 24 -4.52 14.68 0.75
C ALA A 24 -4.90 15.25 -0.59
N GLY A 25 -5.82 14.60 -1.29
CA GLY A 25 -6.37 15.13 -2.53
C GLY A 25 -7.33 16.25 -2.18
N VAL A 26 -8.11 15.98 -1.15
CA VAL A 26 -8.98 16.98 -0.54
C VAL A 26 -8.23 18.27 -0.29
N HIS A 27 -7.24 18.16 0.59
CA HIS A 27 -6.47 19.32 1.06
C HIS A 27 -5.63 19.88 -0.06
N ARG A 28 -5.26 19.04 -1.02
CA ARG A 28 -4.54 19.50 -2.20
C ARG A 28 -5.30 20.60 -2.91
N LEU A 29 -6.61 20.41 -3.02
CA LEU A 29 -7.50 21.42 -3.57
C LEU A 29 -7.63 22.60 -2.63
N ALA A 30 -7.66 22.30 -1.35
CA ALA A 30 -7.88 23.33 -0.33
C ALA A 30 -6.59 23.90 0.20
N ASN A 31 -5.53 23.82 -0.58
CA ASN A 31 -4.26 24.44 -0.22
C ASN A 31 -4.12 25.84 -0.78
N GLY A 32 -5.22 26.50 -1.04
CA GLY A 32 -5.21 27.89 -1.48
C GLY A 32 -5.78 28.80 -0.43
N GLY A 33 -7.01 28.55 -0.04
CA GLY A 33 -7.68 29.33 1.00
C GLY A 33 -9.10 29.63 0.62
N ASN A 34 -9.28 30.30 -0.52
CA ASN A 34 -10.60 30.68 -1.00
C ASN A 34 -10.74 30.44 -2.47
N GLY A 35 -10.05 29.43 -2.98
CA GLY A 35 -10.16 29.06 -4.39
C GLY A 35 -10.67 27.65 -4.54
N PHE A 36 -11.75 27.34 -3.87
CA PHE A 36 -12.37 26.02 -3.96
C PHE A 36 -13.80 26.13 -4.43
N TRP A 37 -14.56 27.02 -3.81
CA TRP A 37 -15.96 27.22 -4.16
C TRP A 37 -16.09 27.77 -5.57
N LYS A 1 8.55 -2.55 4.97
CA LYS A 1 8.92 -3.77 4.26
C LYS A 1 9.95 -3.48 3.20
N TYR A 2 11.20 -3.72 3.54
CA TYR A 2 12.31 -3.57 2.61
C TYR A 2 12.62 -4.89 1.93
N TYR A 3 11.59 -5.58 1.53
CA TYR A 3 11.67 -6.94 0.99
C TYR A 3 11.72 -6.94 -0.53
N GLY A 4 12.04 -5.81 -1.12
CA GLY A 4 11.98 -5.66 -2.57
C GLY A 4 11.87 -4.21 -2.97
N ASN A 5 10.67 -3.79 -3.32
CA ASN A 5 10.41 -2.40 -3.66
C ASN A 5 8.92 -2.12 -3.73
N GLY A 6 8.17 -2.79 -2.86
CA GLY A 6 6.72 -2.64 -2.83
C GLY A 6 6.29 -1.27 -2.37
N VAL A 7 7.12 -0.59 -1.61
CA VAL A 7 6.76 0.71 -1.05
C VAL A 7 6.28 1.66 -2.11
N HIS A 8 6.96 1.68 -3.23
CA HIS A 8 6.55 2.50 -4.37
C HIS A 8 6.51 3.97 -4.01
N CYS A 9 7.67 4.52 -3.71
CA CYS A 9 7.80 5.94 -3.39
C CYS A 9 8.35 6.71 -4.58
N THR A 10 7.46 7.17 -5.44
CA THR A 10 7.87 7.83 -6.68
C THR A 10 6.93 8.96 -7.05
N LYS A 11 6.58 9.77 -6.07
CA LYS A 11 5.77 10.96 -6.32
C LYS A 11 6.18 12.11 -5.43
N SER A 12 7.43 12.14 -5.04
CA SER A 12 7.99 13.10 -4.10
C SER A 12 7.85 12.60 -2.68
N GLY A 13 6.73 11.97 -2.36
CA GLY A 13 6.53 11.34 -1.06
C GLY A 13 5.89 9.98 -1.22
N CYS A 14 6.00 9.15 -0.21
CA CYS A 14 5.51 7.76 -0.30
C CYS A 14 4.03 7.72 -0.03
N SER A 15 3.56 6.77 0.77
CA SER A 15 2.13 6.59 1.00
C SER A 15 1.86 5.41 1.90
N VAL A 16 2.66 4.36 1.73
CA VAL A 16 2.45 3.12 2.46
C VAL A 16 2.46 3.33 3.94
N ASN A 17 1.29 3.44 4.53
CA ASN A 17 1.16 3.53 5.99
C ASN A 17 1.42 2.18 6.63
N TRP A 18 2.00 2.20 7.81
CA TRP A 18 2.41 0.96 8.49
C TRP A 18 1.38 0.53 9.51
N GLY A 19 0.67 1.49 10.07
CA GLY A 19 -0.43 1.18 10.98
C GLY A 19 -1.66 0.78 10.20
N GLU A 20 -1.92 1.52 9.14
CA GLU A 20 -3.00 1.21 8.20
C GLU A 20 -2.71 -0.05 7.43
N ALA A 21 -1.46 -0.44 7.34
CA ALA A 21 -1.08 -1.69 6.69
C ALA A 21 -1.32 -2.89 7.58
N PHE A 22 -1.37 -2.68 8.88
CA PHE A 22 -1.75 -3.73 9.82
C PHE A 22 -3.26 -3.89 9.84
N SER A 23 -3.95 -2.80 9.61
CA SER A 23 -5.40 -2.81 9.43
C SER A 23 -5.76 -3.30 8.04
N ALA A 24 -4.86 -3.08 7.10
CA ALA A 24 -5.02 -3.60 5.74
C ALA A 24 -4.51 -5.01 5.62
N GLY A 25 -3.62 -5.41 6.50
CA GLY A 25 -3.14 -6.79 6.54
C GLY A 25 -4.15 -7.64 7.29
N VAL A 26 -4.59 -7.10 8.41
CA VAL A 26 -5.69 -7.70 9.17
C VAL A 26 -6.90 -7.88 8.27
N HIS A 27 -7.13 -6.88 7.44
CA HIS A 27 -8.19 -6.93 6.43
C HIS A 27 -7.94 -8.05 5.46
N ARG A 28 -6.69 -8.23 5.08
CA ARG A 28 -6.30 -9.31 4.18
C ARG A 28 -6.75 -10.65 4.72
N LEU A 29 -6.41 -10.91 5.96
CA LEU A 29 -6.87 -12.11 6.65
C LEU A 29 -8.38 -12.13 6.78
N ALA A 30 -8.96 -10.94 6.94
CA ALA A 30 -10.39 -10.80 7.16
C ALA A 30 -11.19 -11.55 6.12
N ASN A 31 -10.66 -11.64 4.92
CA ASN A 31 -11.36 -12.31 3.82
C ASN A 31 -11.66 -13.75 4.15
N GLY A 32 -10.61 -14.49 4.47
CA GLY A 32 -10.75 -15.90 4.84
C GLY A 32 -11.74 -16.07 5.96
N GLY A 33 -11.43 -15.51 7.10
CA GLY A 33 -12.29 -15.61 8.28
C GLY A 33 -11.48 -15.93 9.51
N ASN A 34 -10.95 -14.89 10.14
CA ASN A 34 -10.07 -15.07 11.30
C ASN A 34 -10.88 -15.14 12.58
N GLY A 35 -11.51 -14.03 12.92
CA GLY A 35 -12.27 -13.92 14.17
C GLY A 35 -11.56 -13.02 15.16
N PHE A 36 -11.77 -11.73 15.01
CA PHE A 36 -11.12 -10.73 15.87
C PHE A 36 -12.12 -9.73 16.37
N TRP A 37 -12.95 -9.23 15.47
CA TRP A 37 -14.03 -8.32 15.83
C TRP A 37 -15.16 -9.05 16.50
N LYS A 1 15.03 1.23 -1.57
CA LYS A 1 14.34 0.19 -0.80
C LYS A 1 13.38 -0.58 -1.67
N TYR A 2 13.48 -1.89 -1.62
CA TYR A 2 12.56 -2.77 -2.34
C TYR A 2 12.22 -3.99 -1.53
N TYR A 3 11.97 -3.79 -0.25
CA TYR A 3 11.61 -4.87 0.65
C TYR A 3 10.10 -4.96 0.81
N GLY A 4 9.41 -4.80 -0.30
CA GLY A 4 7.95 -4.74 -0.31
C GLY A 4 7.44 -4.01 -1.52
N ASN A 5 6.40 -4.56 -2.13
CA ASN A 5 5.79 -3.95 -3.32
C ASN A 5 5.19 -2.60 -2.99
N GLY A 6 4.68 -2.46 -1.78
CA GLY A 6 3.99 -1.24 -1.37
C GLY A 6 4.87 -0.03 -1.32
N VAL A 7 6.17 -0.20 -1.37
CA VAL A 7 7.12 0.90 -1.20
C VAL A 7 7.59 1.41 -2.54
N HIS A 8 6.65 1.73 -3.40
CA HIS A 8 6.93 2.35 -4.69
C HIS A 8 6.83 3.86 -4.60
N CYS A 9 7.59 4.41 -3.66
CA CYS A 9 7.72 5.85 -3.50
C CYS A 9 7.92 6.51 -4.85
N THR A 10 6.89 7.14 -5.37
CA THR A 10 6.93 7.71 -6.71
C THR A 10 7.77 8.97 -6.76
N LYS A 11 7.13 10.13 -6.68
CA LYS A 11 7.83 11.39 -6.85
C LYS A 11 7.30 12.45 -5.91
N SER A 12 6.72 12.03 -4.80
CA SER A 12 6.07 12.94 -3.87
C SER A 12 5.97 12.33 -2.49
N GLY A 13 6.97 11.52 -2.16
CA GLY A 13 6.97 10.77 -0.90
C GLY A 13 6.51 9.35 -1.15
N CYS A 14 5.87 8.77 -0.13
CA CYS A 14 5.36 7.41 -0.22
C CYS A 14 3.91 7.37 0.20
N SER A 15 3.67 7.54 1.49
CA SER A 15 2.32 7.52 2.05
C SER A 15 1.58 6.28 1.62
N VAL A 16 2.25 5.15 1.68
CA VAL A 16 1.70 3.89 1.20
C VAL A 16 0.42 3.54 1.93
N ASN A 17 -0.68 3.52 1.19
CA ASN A 17 -1.97 3.13 1.74
C ASN A 17 -2.25 1.67 1.46
N TRP A 18 -2.81 0.99 2.45
CA TRP A 18 -3.03 -0.46 2.36
C TRP A 18 -4.36 -0.76 1.73
N GLY A 19 -5.37 0.00 2.10
CA GLY A 19 -6.69 -0.11 1.48
C GLY A 19 -6.65 0.36 0.05
N GLU A 20 -5.94 1.46 -0.18
CA GLU A 20 -5.70 1.97 -1.52
C GLU A 20 -4.88 1.00 -2.34
N ALA A 21 -4.01 0.28 -1.67
CA ALA A 21 -3.18 -0.73 -2.33
C ALA A 21 -3.97 -1.96 -2.71
N PHE A 22 -5.11 -2.16 -2.06
CA PHE A 22 -6.02 -3.24 -2.46
C PHE A 22 -6.83 -2.81 -3.66
N SER A 23 -7.09 -1.51 -3.75
CA SER A 23 -7.72 -0.93 -4.93
C SER A 23 -6.72 -0.79 -6.06
N ALA A 24 -5.45 -0.67 -5.70
CA ALA A 24 -4.37 -0.67 -6.68
C ALA A 24 -3.93 -2.07 -7.04
N GLY A 25 -4.17 -3.01 -6.15
CA GLY A 25 -3.86 -4.42 -6.43
C GLY A 25 -4.99 -5.03 -7.23
N VAL A 26 -6.20 -4.68 -6.83
CA VAL A 26 -7.40 -5.03 -7.59
C VAL A 26 -7.34 -4.43 -8.97
N HIS A 27 -6.81 -3.21 -9.04
CA HIS A 27 -6.57 -2.51 -10.30
C HIS A 27 -5.34 -3.04 -11.00
N ARG A 28 -4.48 -3.75 -10.29
CA ARG A 28 -3.34 -4.42 -10.91
C ARG A 28 -3.77 -5.69 -11.61
N LEU A 29 -4.59 -6.48 -10.94
CA LEU A 29 -5.12 -7.71 -11.51
C LEU A 29 -5.98 -7.42 -12.72
N ALA A 30 -6.98 -6.58 -12.52
CA ALA A 30 -7.83 -6.12 -13.62
C ALA A 30 -7.00 -5.65 -14.79
N ASN A 31 -6.21 -4.62 -14.55
CA ASN A 31 -5.42 -3.97 -15.59
C ASN A 31 -6.25 -3.61 -16.79
N GLY A 32 -7.56 -3.55 -16.61
CA GLY A 32 -8.49 -3.33 -17.71
C GLY A 32 -9.84 -3.95 -17.43
N GLY A 33 -10.29 -3.78 -16.20
CA GLY A 33 -11.53 -4.42 -15.75
C GLY A 33 -11.63 -4.37 -14.23
N ASN A 34 -11.59 -5.55 -13.62
CA ASN A 34 -11.77 -5.66 -12.18
C ASN A 34 -10.81 -6.66 -11.58
N GLY A 35 -10.88 -7.89 -12.07
CA GLY A 35 -9.98 -8.95 -11.63
C GLY A 35 -10.49 -9.59 -10.36
N PHE A 36 -11.65 -10.21 -10.44
CA PHE A 36 -12.28 -10.86 -9.30
C PHE A 36 -12.05 -12.36 -9.31
N TRP A 37 -11.66 -12.92 -10.44
CA TRP A 37 -11.49 -14.37 -10.56
C TRP A 37 -10.21 -14.81 -9.89
N LYS A 1 19.30 1.40 4.93
CA LYS A 1 18.40 2.55 5.03
C LYS A 1 17.28 2.44 4.02
N TYR A 2 16.20 1.81 4.45
CA TYR A 2 15.02 1.53 3.63
C TYR A 2 15.19 0.35 2.68
N TYR A 3 16.41 -0.12 2.52
CA TYR A 3 16.81 -1.16 1.57
C TYR A 3 15.91 -1.28 0.37
N GLY A 4 15.45 -0.16 -0.17
CA GLY A 4 14.67 -0.11 -1.40
C GLY A 4 13.73 -1.27 -1.58
N ASN A 5 12.81 -1.45 -0.65
CA ASN A 5 11.92 -2.61 -0.66
C ASN A 5 10.76 -2.42 -1.61
N GLY A 6 9.66 -1.86 -1.12
CA GLY A 6 8.45 -1.75 -1.92
C GLY A 6 7.49 -0.75 -1.31
N VAL A 7 8.03 0.29 -0.72
CA VAL A 7 7.23 1.39 -0.19
C VAL A 7 6.36 2.01 -1.26
N HIS A 8 6.76 1.85 -2.51
CA HIS A 8 5.95 2.30 -3.65
C HIS A 8 5.91 3.81 -3.70
N CYS A 9 7.06 4.41 -3.94
CA CYS A 9 7.17 5.86 -4.15
C CYS A 9 7.01 6.20 -5.60
N THR A 10 7.14 7.49 -5.90
CA THR A 10 7.12 7.97 -7.28
C THR A 10 7.72 9.34 -7.38
N LYS A 11 7.15 10.28 -6.64
CA LYS A 11 7.58 11.68 -6.68
C LYS A 11 8.13 12.09 -5.32
N SER A 12 7.32 12.84 -4.60
CA SER A 12 7.73 13.42 -3.32
C SER A 12 7.39 12.49 -2.18
N GLY A 13 6.24 11.86 -2.27
CA GLY A 13 5.73 11.02 -1.17
C GLY A 13 5.80 9.56 -1.53
N CYS A 14 5.43 8.72 -0.58
CA CYS A 14 5.47 7.27 -0.77
C CYS A 14 4.13 6.65 -0.41
N SER A 15 3.83 6.67 0.88
CA SER A 15 2.53 6.19 1.36
C SER A 15 2.37 4.72 1.10
N VAL A 16 2.88 3.91 2.02
CA VAL A 16 2.87 2.45 1.86
C VAL A 16 1.87 1.81 2.77
N ASN A 17 0.60 2.09 2.54
CA ASN A 17 -0.49 1.45 3.26
C ASN A 17 -0.39 -0.05 3.17
N TRP A 18 -0.25 -0.69 4.31
CA TRP A 18 -0.02 -2.14 4.35
C TRP A 18 -1.26 -2.89 3.94
N GLY A 19 -2.42 -2.36 4.30
CA GLY A 19 -3.69 -2.93 3.87
C GLY A 19 -3.88 -2.80 2.38
N GLU A 20 -3.42 -1.69 1.84
CA GLU A 20 -3.44 -1.46 0.40
C GLU A 20 -2.53 -2.40 -0.35
N ALA A 21 -1.51 -2.91 0.33
CA ALA A 21 -0.58 -3.85 -0.29
C ALA A 21 -1.20 -5.22 -0.42
N PHE A 22 -2.10 -5.55 0.47
CA PHE A 22 -2.87 -6.79 0.36
C PHE A 22 -3.94 -6.66 -0.71
N SER A 23 -4.38 -5.44 -0.92
CA SER A 23 -5.28 -5.14 -2.03
C SER A 23 -4.52 -5.06 -3.34
N ALA A 24 -3.26 -4.69 -3.23
CA ALA A 24 -2.36 -4.69 -4.39
C ALA A 24 -1.79 -6.06 -4.66
N GLY A 25 -1.75 -6.91 -3.66
CA GLY A 25 -1.34 -8.31 -3.84
C GLY A 25 -2.54 -9.11 -4.32
N VAL A 26 -3.66 -8.86 -3.69
CA VAL A 26 -4.93 -9.43 -4.12
C VAL A 26 -5.21 -9.08 -5.57
N HIS A 27 -4.83 -7.88 -5.95
CA HIS A 27 -4.98 -7.41 -7.32
C HIS A 27 -3.94 -8.04 -8.22
N ARG A 28 -2.78 -8.31 -7.67
CA ARG A 28 -1.72 -9.01 -8.38
C ARG A 28 -2.22 -10.32 -8.93
N LEU A 29 -2.97 -11.05 -8.11
CA LEU A 29 -3.61 -12.28 -8.54
C LEU A 29 -4.82 -12.01 -9.39
N ALA A 30 -5.50 -10.91 -9.11
CA ALA A 30 -6.71 -10.54 -9.82
C ALA A 30 -6.49 -10.53 -11.32
N ASN A 31 -5.27 -10.20 -11.73
CA ASN A 31 -4.89 -10.23 -13.14
C ASN A 31 -4.89 -11.65 -13.66
N GLY A 32 -4.27 -12.54 -12.91
CA GLY A 32 -4.29 -13.97 -13.24
C GLY A 32 -5.19 -14.73 -12.30
N GLY A 33 -6.43 -14.25 -12.20
CA GLY A 33 -7.41 -14.85 -11.29
C GLY A 33 -7.53 -16.35 -11.54
N ASN A 34 -6.95 -17.12 -10.64
CA ASN A 34 -7.03 -18.58 -10.70
C ASN A 34 -8.46 -19.04 -10.45
N GLY A 35 -8.89 -18.93 -9.21
CA GLY A 35 -10.27 -19.24 -8.85
C GLY A 35 -10.85 -18.16 -7.97
N PHE A 36 -10.58 -16.92 -8.33
CA PHE A 36 -11.16 -15.78 -7.62
C PHE A 36 -11.67 -14.72 -8.58
N TRP A 37 -11.82 -15.04 -9.84
CA TRP A 37 -12.21 -14.07 -10.87
C TRP A 37 -11.44 -12.78 -10.75
N LYS A 1 12.54 2.95 0.31
CA LYS A 1 12.78 2.42 1.65
C LYS A 1 11.67 1.47 2.06
N TYR A 2 12.05 0.36 2.65
CA TYR A 2 11.07 -0.64 3.11
C TYR A 2 10.13 -1.02 1.99
N TYR A 3 10.71 -1.28 0.83
CA TYR A 3 9.95 -1.71 -0.35
C TYR A 3 9.75 -3.19 -0.41
N GLY A 4 9.87 -3.88 0.71
CA GLY A 4 9.58 -5.32 0.77
C GLY A 4 8.09 -5.55 0.72
N ASN A 5 7.34 -4.61 1.26
CA ASN A 5 5.88 -4.65 1.18
C ASN A 5 5.40 -4.31 -0.21
N GLY A 6 5.81 -3.15 -0.69
CA GLY A 6 5.41 -2.68 -2.02
C GLY A 6 4.74 -1.33 -1.92
N VAL A 7 5.52 -0.31 -1.65
CA VAL A 7 5.01 1.06 -1.56
C VAL A 7 5.33 1.84 -2.81
N HIS A 8 6.49 1.58 -3.38
CA HIS A 8 6.93 2.25 -4.60
C HIS A 8 6.95 3.75 -4.40
N CYS A 9 7.77 4.20 -3.47
CA CYS A 9 7.89 5.62 -3.16
C CYS A 9 8.32 6.39 -4.39
N THR A 10 7.45 7.28 -4.84
CA THR A 10 7.74 8.15 -5.98
C THR A 10 8.38 9.44 -5.52
N LYS A 11 8.36 10.44 -6.40
CA LYS A 11 8.83 11.77 -6.06
C LYS A 11 7.68 12.72 -5.84
N SER A 12 6.64 12.21 -5.20
CA SER A 12 5.49 13.02 -4.81
C SER A 12 4.61 12.26 -3.84
N GLY A 13 5.24 11.62 -2.87
CA GLY A 13 4.55 10.76 -1.92
C GLY A 13 5.20 9.39 -1.89
N CYS A 14 5.40 8.87 -0.69
CA CYS A 14 6.14 7.61 -0.52
C CYS A 14 5.42 6.67 0.42
N SER A 15 5.20 7.14 1.63
CA SER A 15 4.62 6.33 2.70
C SER A 15 3.11 6.36 2.64
N VAL A 16 2.55 5.48 1.83
CA VAL A 16 1.10 5.33 1.70
C VAL A 16 0.53 4.53 2.85
N ASN A 17 -0.69 4.84 3.21
CA ASN A 17 -1.42 4.08 4.23
C ASN A 17 -2.28 3.02 3.59
N TRP A 18 -1.81 1.79 3.65
CA TRP A 18 -2.48 0.67 2.98
C TRP A 18 -3.64 0.16 3.81
N GLY A 19 -3.50 0.25 5.11
CA GLY A 19 -4.57 -0.13 6.03
C GLY A 19 -5.76 0.80 5.88
N GLU A 20 -5.47 2.09 5.76
CA GLU A 20 -6.51 3.09 5.55
C GLU A 20 -7.25 2.84 4.26
N ALA A 21 -6.55 2.33 3.27
CA ALA A 21 -7.14 2.03 1.98
C ALA A 21 -8.09 0.86 2.07
N PHE A 22 -7.86 -0.02 3.02
CA PHE A 22 -8.79 -1.11 3.30
C PHE A 22 -10.02 -0.59 4.01
N SER A 23 -9.85 0.48 4.74
CA SER A 23 -10.99 1.19 5.36
C SER A 23 -11.71 2.02 4.33
N ALA A 24 -10.98 2.45 3.31
CA ALA A 24 -11.57 3.18 2.19
C ALA A 24 -12.16 2.23 1.17
N GLY A 25 -11.65 1.01 1.12
CA GLY A 25 -12.23 -0.02 0.25
C GLY A 25 -13.43 -0.64 0.94
N VAL A 26 -13.25 -0.87 2.24
CA VAL A 26 -14.36 -1.32 3.08
C VAL A 26 -15.54 -0.38 2.97
N HIS A 27 -15.24 0.91 2.93
CA HIS A 27 -16.27 1.93 2.78
C HIS A 27 -16.84 1.90 1.37
N ARG A 28 -16.00 1.60 0.41
CA ARG A 28 -16.42 1.44 -0.98
C ARG A 28 -17.58 0.48 -1.08
N LEU A 29 -17.48 -0.63 -0.37
CA LEU A 29 -18.48 -1.69 -0.43
C LEU A 29 -19.62 -1.41 0.52
N ALA A 30 -19.29 -0.83 1.67
CA ALA A 30 -20.27 -0.60 2.72
C ALA A 30 -21.28 0.46 2.35
N ASN A 31 -21.14 1.08 1.19
CA ASN A 31 -22.14 2.03 0.69
C ASN A 31 -23.53 1.46 0.79
N GLY A 32 -23.65 0.16 0.60
CA GLY A 32 -24.96 -0.49 0.57
C GLY A 32 -25.39 -0.92 1.95
N GLY A 33 -25.06 -2.15 2.29
CA GLY A 33 -25.50 -2.74 3.56
C GLY A 33 -24.87 -2.03 4.73
N ASN A 34 -25.38 -2.30 5.92
CA ASN A 34 -24.90 -1.64 7.14
C ASN A 34 -23.44 -1.97 7.38
N GLY A 35 -23.06 -3.20 7.10
CA GLY A 35 -21.72 -3.68 7.38
C GLY A 35 -21.09 -4.30 6.15
N PHE A 36 -21.12 -5.62 6.11
CA PHE A 36 -20.53 -6.36 4.99
C PHE A 36 -21.61 -6.99 4.14
N TRP A 37 -22.60 -7.57 4.79
CA TRP A 37 -23.66 -8.30 4.09
C TRP A 37 -24.58 -7.35 3.37
N LYS A 1 4.68 1.84 8.01
CA LYS A 1 5.26 0.59 7.53
C LYS A 1 5.58 0.67 6.05
N TYR A 2 6.79 0.28 5.71
CA TYR A 2 7.27 0.24 4.33
C TYR A 2 8.65 -0.38 4.30
N TYR A 3 8.73 -1.62 4.73
CA TYR A 3 9.98 -2.35 4.95
C TYR A 3 10.38 -3.18 3.76
N GLY A 4 9.88 -2.83 2.59
CA GLY A 4 10.10 -3.64 1.39
C GLY A 4 8.82 -4.24 0.85
N ASN A 5 7.76 -4.22 1.63
CA ASN A 5 6.45 -4.70 1.19
C ASN A 5 6.09 -4.15 -0.18
N GLY A 6 6.01 -2.85 -0.29
CA GLY A 6 5.71 -2.20 -1.57
C GLY A 6 4.99 -0.90 -1.39
N VAL A 7 5.74 0.13 -1.02
CA VAL A 7 5.21 1.49 -0.90
C VAL A 7 5.34 2.23 -2.22
N HIS A 8 6.29 1.82 -3.04
CA HIS A 8 6.44 2.40 -4.38
C HIS A 8 6.70 3.88 -4.30
N CYS A 9 7.78 4.25 -3.64
CA CYS A 9 8.24 5.63 -3.57
C CYS A 9 8.22 6.27 -4.94
N THR A 10 7.95 7.57 -4.97
CA THR A 10 7.93 8.32 -6.23
C THR A 10 8.44 9.73 -6.02
N LYS A 11 8.08 10.62 -6.93
CA LYS A 11 8.42 12.04 -6.78
C LYS A 11 7.24 12.81 -6.26
N SER A 12 6.48 12.19 -5.37
CA SER A 12 5.37 12.85 -4.69
C SER A 12 5.37 12.51 -3.22
N GLY A 13 5.60 11.25 -2.92
CA GLY A 13 5.74 10.79 -1.53
C GLY A 13 5.65 9.28 -1.46
N CYS A 14 6.16 8.72 -0.39
CA CYS A 14 6.05 7.28 -0.12
C CYS A 14 4.80 7.01 0.69
N SER A 15 4.87 6.11 1.64
CA SER A 15 3.72 5.73 2.47
C SER A 15 2.47 5.53 1.64
N VAL A 16 2.34 4.37 1.02
CA VAL A 16 1.24 4.12 0.09
C VAL A 16 0.61 2.76 0.29
N ASN A 17 -0.42 2.69 1.12
CA ASN A 17 -1.21 1.48 1.26
C ASN A 17 -2.28 1.37 0.19
N TRP A 18 -2.48 2.44 -0.56
CA TRP A 18 -3.54 2.65 -1.56
C TRP A 18 -4.97 2.55 -1.08
N GLY A 19 -5.21 2.14 0.14
CA GLY A 19 -6.53 2.20 0.76
C GLY A 19 -6.56 3.34 1.77
N GLU A 20 -5.44 3.48 2.45
CA GLU A 20 -5.19 4.59 3.35
C GLU A 20 -4.80 5.84 2.60
N ALA A 21 -4.47 5.72 1.34
CA ALA A 21 -4.21 6.89 0.49
C ALA A 21 -5.51 7.52 0.05
N PHE A 22 -6.53 6.69 -0.10
CA PHE A 22 -7.88 7.17 -0.38
C PHE A 22 -8.52 7.70 0.89
N SER A 23 -8.11 7.15 2.01
CA SER A 23 -8.50 7.69 3.32
C SER A 23 -7.69 8.91 3.65
N ALA A 24 -6.49 8.99 3.10
CA ALA A 24 -5.63 10.16 3.22
C ALA A 24 -6.00 11.23 2.22
N GLY A 25 -6.62 10.84 1.12
CA GLY A 25 -7.13 11.80 0.14
C GLY A 25 -8.49 12.30 0.59
N VAL A 26 -9.31 11.33 1.02
CA VAL A 26 -10.60 11.64 1.64
C VAL A 26 -10.41 12.56 2.82
N HIS A 27 -9.33 12.36 3.55
CA HIS A 27 -9.00 13.17 4.72
C HIS A 27 -8.40 14.50 4.30
N ARG A 28 -7.72 14.49 3.18
CA ARG A 28 -7.17 15.71 2.60
C ARG A 28 -8.27 16.73 2.37
N LEU A 29 -9.40 16.26 1.91
CA LEU A 29 -10.58 17.10 1.73
C LEU A 29 -11.36 17.23 3.02
N ALA A 30 -11.30 16.20 3.85
CA ALA A 30 -11.98 16.22 5.14
C ALA A 30 -11.09 16.75 6.25
N ASN A 31 -10.07 17.52 5.91
CA ASN A 31 -9.23 18.18 6.90
C ASN A 31 -9.99 19.28 7.61
N GLY A 32 -10.79 20.00 6.85
CA GLY A 32 -11.56 21.13 7.38
C GLY A 32 -13.00 20.72 7.65
N GLY A 33 -13.60 20.08 6.66
CA GLY A 33 -14.96 19.57 6.80
C GLY A 33 -15.98 20.69 6.72
N ASN A 34 -16.34 21.05 5.50
CA ASN A 34 -17.36 22.06 5.27
C ASN A 34 -18.72 21.44 5.11
N GLY A 35 -18.88 20.68 4.03
CA GLY A 35 -20.14 19.98 3.75
C GLY A 35 -19.90 18.51 3.52
N PHE A 36 -19.17 17.89 4.43
CA PHE A 36 -18.85 16.48 4.34
C PHE A 36 -19.90 15.62 5.02
N TRP A 37 -20.50 16.15 6.07
CA TRP A 37 -21.54 15.43 6.81
C TRP A 37 -22.84 15.44 6.04
N LYS A 1 15.95 -0.14 -6.90
CA LYS A 1 14.76 0.11 -7.71
C LYS A 1 13.54 -0.50 -7.07
N TYR A 2 12.38 0.04 -7.41
CA TYR A 2 11.11 -0.47 -6.89
C TYR A 2 9.94 0.14 -7.63
N TYR A 3 9.89 -0.09 -8.92
CA TYR A 3 8.83 0.45 -9.76
C TYR A 3 7.73 -0.56 -9.97
N GLY A 4 7.58 -1.49 -9.04
CA GLY A 4 6.62 -2.58 -9.20
C GLY A 4 5.93 -2.88 -7.89
N ASN A 5 6.62 -3.58 -7.00
CA ASN A 5 6.04 -4.01 -5.74
C ASN A 5 7.08 -4.08 -4.64
N GLY A 6 6.73 -3.51 -3.50
CA GLY A 6 7.56 -3.60 -2.30
C GLY A 6 7.59 -2.34 -1.45
N VAL A 7 7.17 -1.24 -2.04
CA VAL A 7 7.24 0.07 -1.42
C VAL A 7 6.39 1.07 -2.19
N HIS A 8 6.76 1.28 -3.45
CA HIS A 8 6.14 2.29 -4.29
C HIS A 8 6.36 3.67 -3.73
N CYS A 9 7.49 4.26 -4.08
CA CYS A 9 7.80 5.64 -3.73
C CYS A 9 7.98 6.49 -4.96
N THR A 10 6.90 7.08 -5.43
CA THR A 10 6.89 7.83 -6.67
C THR A 10 7.93 8.91 -6.66
N LYS A 11 7.64 10.01 -5.98
CA LYS A 11 8.52 11.18 -5.99
C LYS A 11 8.00 12.32 -5.13
N SER A 12 6.69 12.47 -5.15
CA SER A 12 6.01 13.50 -4.37
C SER A 12 5.95 13.14 -2.91
N GLY A 13 5.86 11.85 -2.65
CA GLY A 13 5.90 11.33 -1.28
C GLY A 13 5.42 9.90 -1.24
N CYS A 14 6.04 9.10 -0.38
CA CYS A 14 5.73 7.69 -0.29
C CYS A 14 4.33 7.46 0.23
N SER A 15 4.17 7.50 1.54
CA SER A 15 2.85 7.40 2.17
C SER A 15 2.11 6.19 1.68
N VAL A 16 2.83 5.13 1.38
CA VAL A 16 2.25 3.91 0.81
C VAL A 16 1.14 3.40 1.69
N ASN A 17 -0.03 3.23 1.10
CA ASN A 17 -1.18 2.68 1.81
C ASN A 17 -1.12 1.17 1.87
N TRP A 18 -1.42 0.62 3.02
CA TRP A 18 -1.29 -0.81 3.26
C TRP A 18 -2.57 -1.55 2.91
N GLY A 19 -3.69 -0.87 3.02
CA GLY A 19 -4.98 -1.42 2.61
C GLY A 19 -5.15 -1.33 1.11
N GLU A 20 -4.61 -0.27 0.53
CA GLU A 20 -4.60 -0.11 -0.92
C GLU A 20 -3.60 -1.03 -1.58
N ALA A 21 -2.56 -1.39 -0.86
CA ALA A 21 -1.57 -2.33 -1.37
C ALA A 21 -2.07 -3.76 -1.29
N PHE A 22 -2.94 -4.02 -0.34
CA PHE A 22 -3.59 -5.33 -0.25
C PHE A 22 -4.69 -5.43 -1.29
N SER A 23 -5.26 -4.29 -1.64
CA SER A 23 -6.22 -4.21 -2.73
C SER A 23 -5.50 -4.20 -4.06
N ALA A 24 -4.27 -3.71 -4.06
CA ALA A 24 -3.41 -3.76 -5.24
C ALA A 24 -2.73 -5.10 -5.37
N GLY A 25 -2.58 -5.82 -4.27
CA GLY A 25 -2.03 -7.18 -4.31
C GLY A 25 -3.14 -8.14 -4.67
N VAL A 26 -4.28 -7.94 -4.01
CA VAL A 26 -5.50 -8.67 -4.34
C VAL A 26 -5.84 -8.48 -5.80
N HIS A 27 -5.53 -7.30 -6.31
CA HIS A 27 -5.69 -6.99 -7.73
C HIS A 27 -4.66 -7.71 -8.56
N ARG A 28 -3.45 -7.83 -8.03
CA ARG A 28 -2.39 -8.57 -8.70
C ARG A 28 -2.84 -9.97 -9.04
N LEU A 29 -3.25 -10.70 -8.03
CA LEU A 29 -3.83 -12.03 -8.22
C LEU A 29 -5.06 -11.98 -9.08
N ALA A 30 -5.85 -10.93 -8.89
CA ALA A 30 -7.13 -10.78 -9.58
C ALA A 30 -6.97 -10.67 -11.07
N ASN A 31 -5.78 -10.32 -11.54
CA ASN A 31 -5.53 -10.14 -12.97
C ASN A 31 -6.00 -11.34 -13.77
N GLY A 32 -5.82 -12.52 -13.21
CA GLY A 32 -6.20 -13.75 -13.88
C GLY A 32 -7.68 -13.76 -14.20
N GLY A 33 -8.48 -14.02 -13.18
CA GLY A 33 -9.94 -14.02 -13.33
C GLY A 33 -10.47 -12.62 -13.48
N ASN A 34 -11.73 -12.44 -13.11
CA ASN A 34 -12.36 -11.12 -13.16
C ASN A 34 -12.02 -10.32 -11.92
N GLY A 35 -12.68 -10.64 -10.82
CA GLY A 35 -12.52 -9.88 -9.58
C GLY A 35 -12.14 -10.79 -8.44
N PHE A 36 -13.14 -11.19 -7.67
CA PHE A 36 -12.92 -12.03 -6.49
C PHE A 36 -13.93 -13.16 -6.44
N TRP A 37 -15.21 -12.78 -6.39
CA TRP A 37 -16.29 -13.75 -6.35
C TRP A 37 -16.50 -14.39 -7.71
N LYS A 1 14.60 -3.50 6.80
CA LYS A 1 13.14 -3.51 6.68
C LYS A 1 12.66 -2.37 5.82
N TYR A 2 11.35 -2.30 5.62
CA TYR A 2 10.76 -1.25 4.78
C TYR A 2 11.28 -1.36 3.37
N TYR A 3 11.14 -2.55 2.81
CA TYR A 3 11.72 -2.92 1.52
C TYR A 3 10.78 -2.67 0.36
N GLY A 4 9.77 -1.85 0.56
CA GLY A 4 8.80 -1.55 -0.48
C GLY A 4 8.19 -2.80 -1.08
N ASN A 5 7.15 -3.30 -0.45
CA ASN A 5 6.39 -4.43 -0.98
C ASN A 5 5.30 -3.95 -1.91
N GLY A 6 4.67 -2.85 -1.54
CA GLY A 6 3.68 -2.18 -2.37
C GLY A 6 3.70 -0.69 -2.14
N VAL A 7 4.88 -0.17 -1.83
CA VAL A 7 5.05 1.23 -1.48
C VAL A 7 5.53 2.03 -2.66
N HIS A 8 6.77 1.77 -3.07
CA HIS A 8 7.33 2.38 -4.27
C HIS A 8 7.38 3.88 -4.15
N CYS A 9 8.37 4.39 -3.44
CA CYS A 9 8.60 5.82 -3.35
C CYS A 9 8.91 6.40 -4.71
N THR A 10 8.07 7.29 -5.18
CA THR A 10 8.20 7.82 -6.54
C THR A 10 8.18 9.34 -6.57
N LYS A 11 6.99 9.90 -6.58
CA LYS A 11 6.83 11.35 -6.74
C LYS A 11 6.66 12.02 -5.39
N SER A 12 5.42 12.34 -5.06
CA SER A 12 5.09 13.10 -3.86
C SER A 12 5.78 12.54 -2.64
N GLY A 13 6.12 11.26 -2.67
CA GLY A 13 6.90 10.64 -1.61
C GLY A 13 6.59 9.17 -1.50
N CYS A 14 6.52 8.67 -0.27
CA CYS A 14 6.11 7.29 -0.02
C CYS A 14 4.63 7.21 0.28
N SER A 15 4.28 7.36 1.54
CA SER A 15 2.89 7.29 1.97
C SER A 15 2.19 6.08 1.39
N VAL A 16 2.76 4.92 1.66
CA VAL A 16 2.27 3.67 1.08
C VAL A 16 0.79 3.49 1.34
N ASN A 17 0.00 3.67 0.30
CA ASN A 17 -1.44 3.43 0.34
C ASN A 17 -1.73 2.05 0.90
N TRP A 18 -2.12 2.02 2.16
CA TRP A 18 -2.33 0.76 2.87
C TRP A 18 -3.48 -0.01 2.27
N GLY A 19 -4.41 0.67 1.64
CA GLY A 19 -5.50 0.02 0.91
C GLY A 19 -4.97 -0.84 -0.20
N GLU A 20 -4.08 -0.28 -1.01
CA GLU A 20 -3.52 -0.98 -2.15
C GLU A 20 -2.73 -2.19 -1.71
N ALA A 21 -2.08 -2.09 -0.58
CA ALA A 21 -1.29 -3.19 -0.03
C ALA A 21 -2.17 -4.31 0.47
N PHE A 22 -3.39 -3.99 0.82
CA PHE A 22 -4.38 -5.01 1.18
C PHE A 22 -4.89 -5.71 -0.06
N SER A 23 -4.89 -5.00 -1.17
CA SER A 23 -5.21 -5.58 -2.47
C SER A 23 -4.03 -6.37 -3.00
N ALA A 24 -2.84 -5.95 -2.60
CA ALA A 24 -1.61 -6.68 -2.94
C ALA A 24 -1.36 -7.82 -1.99
N GLY A 25 -1.92 -7.75 -0.80
CA GLY A 25 -1.84 -8.86 0.16
C GLY A 25 -2.93 -9.87 -0.15
N VAL A 26 -4.11 -9.33 -0.41
CA VAL A 26 -5.23 -10.15 -0.89
C VAL A 26 -4.85 -10.90 -2.14
N HIS A 27 -4.06 -10.25 -2.97
CA HIS A 27 -3.50 -10.88 -4.18
C HIS A 27 -2.48 -11.93 -3.81
N ARG A 28 -1.69 -11.64 -2.80
CA ARG A 28 -0.72 -12.61 -2.27
C ARG A 28 -1.39 -13.93 -1.96
N LEU A 29 -2.46 -13.86 -1.19
CA LEU A 29 -3.23 -15.05 -0.83
C LEU A 29 -4.04 -15.55 -2.01
N ALA A 30 -4.51 -14.62 -2.82
CA ALA A 30 -5.39 -14.96 -3.94
C ALA A 30 -4.78 -16.00 -4.84
N ASN A 31 -3.46 -16.07 -4.89
CA ASN A 31 -2.77 -16.98 -5.81
C ASN A 31 -3.28 -18.40 -5.69
N GLY A 32 -3.49 -18.83 -4.46
CA GLY A 32 -3.98 -20.17 -4.18
C GLY A 32 -5.33 -20.40 -4.82
N GLY A 33 -6.27 -19.53 -4.53
CA GLY A 33 -7.65 -19.69 -4.98
C GLY A 33 -7.94 -18.78 -6.16
N ASN A 34 -9.20 -18.42 -6.31
CA ASN A 34 -9.63 -17.50 -7.36
C ASN A 34 -10.13 -16.20 -6.77
N GLY A 35 -10.76 -16.28 -5.61
CA GLY A 35 -11.39 -15.12 -4.99
C GLY A 35 -10.77 -14.82 -3.65
N PHE A 36 -11.41 -15.27 -2.60
CA PHE A 36 -10.93 -15.06 -1.23
C PHE A 36 -10.58 -16.37 -0.57
N TRP A 37 -11.58 -17.21 -0.42
CA TRP A 37 -11.42 -18.49 0.27
C TRP A 37 -10.54 -19.43 -0.54
N LYS A 1 12.53 -1.35 7.61
CA LYS A 1 11.40 -1.25 6.69
C LYS A 1 10.69 -2.57 6.57
N TYR A 2 9.67 -2.75 7.40
CA TYR A 2 8.83 -3.96 7.32
C TYR A 2 7.93 -3.99 6.10
N TYR A 3 7.93 -2.92 5.33
CA TYR A 3 7.09 -2.81 4.14
C TYR A 3 7.91 -2.94 2.89
N GLY A 4 8.93 -3.78 2.95
CA GLY A 4 9.94 -3.98 1.92
C GLY A 4 9.63 -3.50 0.53
N ASN A 5 9.32 -4.45 -0.35
CA ASN A 5 8.95 -4.17 -1.73
C ASN A 5 7.49 -3.78 -1.82
N GLY A 6 7.21 -2.77 -2.63
CA GLY A 6 5.85 -2.35 -2.92
C GLY A 6 5.40 -1.19 -2.06
N VAL A 7 6.34 -0.38 -1.61
CA VAL A 7 6.00 0.84 -0.87
C VAL A 7 5.73 1.99 -1.82
N HIS A 8 6.45 2.00 -2.93
CA HIS A 8 6.22 2.97 -4.00
C HIS A 8 6.46 4.38 -3.51
N CYS A 9 7.70 4.82 -3.62
CA CYS A 9 8.08 6.19 -3.32
C CYS A 9 8.64 6.88 -4.55
N THR A 10 7.79 7.54 -5.32
CA THR A 10 8.18 8.12 -6.59
C THR A 10 8.12 9.62 -6.58
N LYS A 11 6.99 10.18 -6.97
CA LYS A 11 6.86 11.63 -7.13
C LYS A 11 6.04 12.26 -6.04
N SER A 12 6.14 11.72 -4.83
CA SER A 12 5.50 12.30 -3.67
C SER A 12 5.73 11.45 -2.44
N GLY A 13 6.98 11.29 -2.08
CA GLY A 13 7.35 10.38 -0.99
C GLY A 13 6.75 9.01 -1.20
N CYS A 14 6.81 8.18 -0.19
CA CYS A 14 6.16 6.85 -0.24
C CYS A 14 4.65 7.00 -0.25
N SER A 15 4.09 7.30 0.90
CA SER A 15 2.65 7.51 1.02
C SER A 15 1.88 6.34 0.45
N VAL A 16 1.93 5.23 1.15
CA VAL A 16 1.34 3.98 0.67
C VAL A 16 -0.14 3.95 0.94
N ASN A 17 -0.93 4.09 -0.11
CA ASN A 17 -2.38 3.96 -0.01
C ASN A 17 -2.76 2.64 0.64
N TRP A 18 -3.30 2.72 1.84
CA TRP A 18 -3.61 1.53 2.63
C TRP A 18 -4.89 0.87 2.17
N GLY A 19 -5.79 1.64 1.61
CA GLY A 19 -7.01 1.11 1.03
C GLY A 19 -6.70 0.27 -0.19
N GLU A 20 -5.91 0.82 -1.09
CA GLU A 20 -5.46 0.10 -2.27
C GLU A 20 -4.64 -1.12 -1.91
N ALA A 21 -3.98 -1.07 -0.77
CA ALA A 21 -3.16 -2.19 -0.30
C ALA A 21 -4.03 -3.33 0.17
N PHE A 22 -5.22 -3.02 0.63
CA PHE A 22 -6.21 -4.04 0.98
C PHE A 22 -6.82 -4.64 -0.27
N SER A 23 -6.85 -3.86 -1.33
CA SER A 23 -7.25 -4.35 -2.64
C SER A 23 -6.12 -5.12 -3.30
N ALA A 24 -4.91 -4.76 -2.94
CA ALA A 24 -3.72 -5.49 -3.39
C ALA A 24 -3.47 -6.72 -2.55
N GLY A 25 -3.94 -6.71 -1.32
CA GLY A 25 -3.87 -7.88 -0.46
C GLY A 25 -5.02 -8.82 -0.79
N VAL A 26 -6.19 -8.21 -0.97
CA VAL A 26 -7.36 -8.93 -1.44
C VAL A 26 -7.03 -9.67 -2.73
N HIS A 27 -6.24 -9.03 -3.57
CA HIS A 27 -5.76 -9.65 -4.80
C HIS A 27 -4.73 -10.73 -4.48
N ARG A 28 -3.89 -10.45 -3.52
CA ARG A 28 -2.88 -11.40 -3.06
C ARG A 28 -3.51 -12.74 -2.75
N LEU A 29 -4.59 -12.71 -1.99
CA LEU A 29 -5.31 -13.93 -1.62
C LEU A 29 -6.06 -14.50 -2.80
N ALA A 30 -6.47 -13.64 -3.70
CA ALA A 30 -7.15 -14.06 -4.93
C ALA A 30 -6.17 -14.30 -6.07
N ASN A 31 -4.91 -14.53 -5.76
CA ASN A 31 -3.92 -14.87 -6.76
C ASN A 31 -3.75 -16.37 -6.88
N GLY A 32 -3.95 -17.05 -5.76
CA GLY A 32 -3.93 -18.52 -5.74
C GLY A 32 -4.81 -19.09 -6.81
N GLY A 33 -6.10 -18.85 -6.69
CA GLY A 33 -7.08 -19.32 -7.66
C GLY A 33 -8.31 -19.87 -6.97
N ASN A 34 -9.05 -18.99 -6.32
CA ASN A 34 -10.29 -19.36 -5.65
C ASN A 34 -11.28 -18.23 -5.66
N GLY A 35 -10.98 -17.19 -4.90
CA GLY A 35 -11.85 -16.02 -4.82
C GLY A 35 -11.46 -15.12 -3.67
N PHE A 36 -11.66 -15.61 -2.46
CA PHE A 36 -11.33 -14.85 -1.26
C PHE A 36 -11.07 -15.76 -0.09
N TRP A 37 -12.06 -16.61 0.21
CA TRP A 37 -11.94 -17.58 1.29
C TRP A 37 -10.71 -18.44 1.10
N LYS A 1 11.81 -5.65 6.70
CA LYS A 1 11.93 -5.32 5.28
C LYS A 1 10.59 -5.36 4.60
N TYR A 2 10.48 -4.65 3.48
CA TYR A 2 9.23 -4.58 2.73
C TYR A 2 9.49 -4.22 1.29
N TYR A 3 10.10 -5.13 0.56
CA TYR A 3 10.40 -4.93 -0.86
C TYR A 3 9.31 -5.53 -1.73
N GLY A 4 8.07 -5.36 -1.31
CA GLY A 4 6.94 -5.97 -2.01
C GLY A 4 6.51 -5.14 -3.19
N ASN A 5 5.35 -4.53 -3.08
CA ASN A 5 4.76 -3.78 -4.19
C ASN A 5 3.76 -2.76 -3.70
N GLY A 6 3.96 -2.26 -2.49
CA GLY A 6 3.08 -1.24 -1.91
C GLY A 6 3.88 -0.16 -1.24
N VAL A 7 4.68 0.55 -2.01
CA VAL A 7 5.53 1.61 -1.48
C VAL A 7 6.01 2.53 -2.58
N HIS A 8 6.77 1.96 -3.50
CA HIS A 8 7.35 2.63 -4.67
C HIS A 8 7.52 4.13 -4.49
N CYS A 9 8.26 4.49 -3.46
CA CYS A 9 8.63 5.89 -3.24
C CYS A 9 9.13 6.53 -4.52
N THR A 10 8.26 7.26 -5.19
CA THR A 10 8.57 7.81 -6.50
C THR A 10 7.48 8.75 -6.97
N LYS A 11 6.81 9.39 -6.03
CA LYS A 11 5.66 10.23 -6.34
C LYS A 11 5.55 11.37 -5.37
N SER A 12 6.66 12.06 -5.15
CA SER A 12 6.69 13.21 -4.26
C SER A 12 6.34 12.82 -2.84
N GLY A 13 6.84 11.68 -2.42
CA GLY A 13 6.51 11.11 -1.12
C GLY A 13 6.05 9.68 -1.26
N CYS A 14 6.12 8.93 -0.17
CA CYS A 14 5.79 7.51 -0.20
C CYS A 14 4.31 7.30 0.02
N SER A 15 3.91 6.82 1.18
CA SER A 15 2.52 6.46 1.44
C SER A 15 2.38 5.70 2.73
N VAL A 16 3.26 4.73 2.91
CA VAL A 16 3.18 3.81 4.05
C VAL A 16 3.77 4.45 5.30
N ASN A 17 2.90 4.77 6.23
CA ASN A 17 3.29 5.27 7.55
C ASN A 17 4.03 4.22 8.35
N TRP A 18 5.18 4.58 8.87
CA TRP A 18 6.03 3.63 9.58
C TRP A 18 5.79 3.68 11.07
N GLY A 19 5.57 4.86 11.59
CA GLY A 19 5.21 5.04 13.00
C GLY A 19 3.84 4.45 13.27
N GLU A 20 2.92 4.70 12.34
CA GLU A 20 1.58 4.11 12.40
C GLU A 20 1.65 2.61 12.23
N ALA A 21 2.67 2.13 11.55
CA ALA A 21 2.91 0.69 11.41
C ALA A 21 3.35 0.09 12.72
N PHE A 22 3.95 0.89 13.57
CA PHE A 22 4.29 0.45 14.93
C PHE A 22 3.06 0.41 15.80
N SER A 23 2.12 1.28 15.48
CA SER A 23 0.80 1.26 16.13
C SER A 23 -0.05 0.15 15.56
N ALA A 24 0.21 -0.20 14.32
CA ALA A 24 -0.45 -1.34 13.68
C ALA A 24 0.22 -2.65 14.02
N GLY A 25 1.49 -2.60 14.37
CA GLY A 25 2.20 -3.79 14.83
C GLY A 25 1.91 -4.03 16.29
N VAL A 26 1.96 -2.93 17.04
CA VAL A 26 1.54 -2.94 18.44
C VAL A 26 0.12 -3.45 18.57
N HIS A 27 -0.69 -3.12 17.57
CA HIS A 27 -2.06 -3.62 17.47
C HIS A 27 -2.06 -5.09 17.14
N ARG A 28 -1.13 -5.50 16.31
CA ARG A 28 -0.94 -6.92 16.00
C ARG A 28 -0.79 -7.74 17.25
N LEU A 29 0.20 -7.40 18.04
CA LEU A 29 0.43 -8.03 19.35
C LEU A 29 -0.75 -7.78 20.27
N ALA A 30 -1.38 -6.63 20.15
CA ALA A 30 -2.45 -6.24 21.05
C ALA A 30 -3.82 -6.55 20.49
N ASN A 31 -3.89 -7.55 19.64
CA ASN A 31 -5.17 -8.03 19.11
C ASN A 31 -6.17 -8.25 20.22
N GLY A 32 -5.67 -8.60 21.40
CA GLY A 32 -6.50 -8.73 22.58
C GLY A 32 -6.19 -7.65 23.59
N GLY A 33 -5.35 -7.99 24.56
CA GLY A 33 -4.88 -7.02 25.54
C GLY A 33 -6.02 -6.32 26.23
N ASN A 34 -6.15 -5.03 25.98
CA ASN A 34 -7.17 -4.22 26.63
C ASN A 34 -7.02 -2.77 26.25
N GLY A 35 -6.02 -2.11 26.80
CA GLY A 35 -5.77 -0.70 26.54
C GLY A 35 -4.67 -0.54 25.51
N PHE A 36 -3.45 -0.36 25.99
CA PHE A 36 -2.29 -0.20 25.11
C PHE A 36 -1.03 -0.66 25.79
N TRP A 37 -0.79 -0.15 26.98
CA TRP A 37 0.36 -0.55 27.78
C TRP A 37 0.01 -1.71 28.70
N LYS A 1 5.51 -5.96 6.81
CA LYS A 1 6.41 -4.81 6.91
C LYS A 1 7.62 -4.99 6.04
N TYR A 2 7.56 -4.45 4.84
CA TYR A 2 8.64 -4.61 3.85
C TYR A 2 9.38 -3.31 3.56
N TYR A 3 8.72 -2.21 3.85
CA TYR A 3 9.20 -0.84 3.67
C TYR A 3 10.32 -0.73 2.67
N GLY A 4 10.07 -1.23 1.47
CA GLY A 4 11.04 -1.08 0.38
C GLY A 4 10.50 -1.52 -0.95
N ASN A 5 10.32 -2.82 -1.12
CA ASN A 5 9.94 -3.41 -2.39
C ASN A 5 8.73 -2.73 -3.00
N GLY A 6 7.57 -2.98 -2.42
CA GLY A 6 6.31 -2.51 -2.97
C GLY A 6 5.96 -1.09 -2.61
N VAL A 7 6.66 -0.50 -1.65
CA VAL A 7 6.33 0.83 -1.15
C VAL A 7 6.15 1.84 -2.26
N HIS A 8 6.97 1.71 -3.29
CA HIS A 8 6.87 2.54 -4.49
C HIS A 8 6.76 4.01 -4.14
N CYS A 9 7.86 4.60 -3.73
CA CYS A 9 7.95 6.03 -3.48
C CYS A 9 8.26 6.78 -4.76
N THR A 10 7.23 7.25 -5.43
CA THR A 10 7.39 7.86 -6.75
C THR A 10 6.92 9.30 -6.77
N LYS A 11 7.87 10.22 -6.74
CA LYS A 11 7.62 11.65 -6.87
C LYS A 11 6.47 12.11 -6.01
N SER A 12 6.56 11.82 -4.72
CA SER A 12 5.49 12.11 -3.78
C SER A 12 5.76 11.41 -2.46
N GLY A 13 7.00 11.45 -2.01
CA GLY A 13 7.41 10.70 -0.82
C GLY A 13 7.05 9.25 -0.97
N CYS A 14 6.20 8.76 -0.08
CA CYS A 14 5.67 7.40 -0.18
C CYS A 14 4.17 7.40 0.06
N SER A 15 3.78 7.55 1.31
CA SER A 15 2.37 7.68 1.71
C SER A 15 1.51 6.63 1.04
N VAL A 16 2.10 5.50 0.70
CA VAL A 16 1.41 4.46 -0.05
C VAL A 16 0.35 3.80 0.79
N ASN A 17 -0.80 3.56 0.18
CA ASN A 17 -1.88 2.83 0.83
C ASN A 17 -1.59 1.35 0.91
N TRP A 18 -1.73 0.80 2.09
CA TRP A 18 -1.38 -0.61 2.33
C TRP A 18 -2.61 -1.49 2.36
N GLY A 19 -3.77 -0.91 2.63
CA GLY A 19 -5.03 -1.64 2.56
C GLY A 19 -5.41 -1.93 1.12
N GLU A 20 -5.39 -0.89 0.31
CA GLU A 20 -5.68 -1.01 -1.11
C GLU A 20 -4.61 -1.81 -1.83
N ALA A 21 -3.39 -1.73 -1.33
CA ALA A 21 -2.28 -2.49 -1.91
C ALA A 21 -2.34 -3.95 -1.52
N PHE A 22 -3.04 -4.27 -0.45
CA PHE A 22 -3.29 -5.65 -0.07
C PHE A 22 -4.38 -6.24 -0.93
N SER A 23 -5.29 -5.39 -1.37
CA SER A 23 -6.32 -5.79 -2.34
C SER A 23 -5.72 -5.85 -3.73
N ALA A 24 -4.70 -5.05 -3.96
CA ALA A 24 -3.97 -5.09 -5.23
C ALA A 24 -2.90 -6.17 -5.23
N GLY A 25 -2.46 -6.57 -4.05
CA GLY A 25 -1.52 -7.69 -3.93
C GLY A 25 -2.29 -9.00 -3.96
N VAL A 26 -3.40 -9.00 -3.23
CA VAL A 26 -4.34 -10.11 -3.26
C VAL A 26 -4.78 -10.39 -4.68
N HIS A 27 -5.02 -9.32 -5.43
CA HIS A 27 -5.37 -9.44 -6.84
C HIS A 27 -4.20 -9.95 -7.65
N ARG A 28 -3.00 -9.51 -7.28
CA ARG A 28 -1.79 -9.99 -7.93
C ARG A 28 -1.70 -11.49 -7.88
N LEU A 29 -2.06 -12.06 -6.75
CA LEU A 29 -2.11 -13.51 -6.59
C LEU A 29 -3.36 -14.08 -7.20
N ALA A 30 -4.41 -13.29 -7.25
CA ALA A 30 -5.68 -13.72 -7.86
C ALA A 30 -5.80 -13.28 -9.30
N ASN A 31 -4.67 -13.15 -9.97
CA ASN A 31 -4.64 -12.83 -11.40
C ASN A 31 -5.59 -13.72 -12.16
N GLY A 32 -5.79 -14.93 -11.68
CA GLY A 32 -6.70 -15.88 -12.32
C GLY A 32 -6.44 -17.29 -11.86
N GLY A 33 -5.18 -17.59 -11.64
CA GLY A 33 -4.77 -18.96 -11.29
C GLY A 33 -5.19 -19.32 -9.88
N ASN A 34 -4.23 -19.42 -8.99
CA ASN A 34 -4.47 -19.83 -7.62
C ASN A 34 -3.17 -19.99 -6.86
N GLY A 35 -2.76 -18.91 -6.22
CA GLY A 35 -1.52 -18.89 -5.45
C GLY A 35 -1.79 -18.59 -4.00
N PHE A 36 -2.89 -19.12 -3.49
CA PHE A 36 -3.23 -18.98 -2.08
C PHE A 36 -3.08 -20.30 -1.35
N TRP A 37 -3.66 -21.34 -1.92
CA TRP A 37 -3.61 -22.67 -1.32
C TRP A 37 -3.74 -23.73 -2.38
N LYS A 1 11.99 -2.57 9.82
CA LYS A 1 11.52 -3.81 9.21
C LYS A 1 10.38 -3.55 8.25
N TYR A 2 10.59 -3.89 6.99
CA TYR A 2 9.53 -3.76 5.99
C TYR A 2 8.71 -5.03 5.80
N TYR A 3 9.32 -6.15 6.15
CA TYR A 3 8.75 -7.48 6.00
C TYR A 3 7.73 -7.58 4.90
N GLY A 4 8.07 -7.05 3.74
CA GLY A 4 7.20 -7.13 2.57
C GLY A 4 7.67 -6.20 1.48
N ASN A 5 6.80 -5.28 1.09
CA ASN A 5 7.16 -4.24 0.13
C ASN A 5 6.47 -2.93 0.48
N GLY A 6 5.38 -2.59 -0.16
CA GLY A 6 4.65 -1.37 0.15
C GLY A 6 5.39 -0.09 -0.17
N VAL A 7 6.56 -0.22 -0.74
CA VAL A 7 7.46 0.91 -0.98
C VAL A 7 7.53 1.26 -2.45
N HIS A 8 6.37 1.59 -3.01
CA HIS A 8 6.30 2.08 -4.38
C HIS A 8 6.28 3.59 -4.41
N CYS A 9 7.23 4.17 -3.68
CA CYS A 9 7.36 5.61 -3.57
C CYS A 9 7.42 6.25 -4.95
N THR A 10 6.91 7.46 -5.04
CA THR A 10 6.91 8.21 -6.30
C THR A 10 7.75 9.47 -6.16
N LYS A 11 7.47 10.47 -6.99
CA LYS A 11 8.18 11.73 -6.92
C LYS A 11 7.42 12.75 -6.09
N SER A 12 6.84 12.30 -5.00
CA SER A 12 6.17 13.19 -4.04
C SER A 12 6.44 12.76 -2.63
N GLY A 13 6.36 11.47 -2.40
CA GLY A 13 6.70 10.88 -1.10
C GLY A 13 6.68 9.37 -1.15
N CYS A 14 5.91 8.78 -0.26
CA CYS A 14 5.70 7.34 -0.26
C CYS A 14 4.24 7.00 0.00
N SER A 15 3.81 7.23 1.22
CA SER A 15 2.41 7.06 1.60
C SER A 15 1.91 5.68 1.21
N VAL A 16 2.18 4.71 2.06
CA VAL A 16 1.70 3.34 1.83
C VAL A 16 0.26 3.19 2.27
N ASN A 17 -0.52 2.51 1.44
CA ASN A 17 -1.90 2.19 1.78
C ASN A 17 -2.00 0.79 2.35
N TRP A 18 -2.37 0.71 3.61
CA TRP A 18 -2.42 -0.57 4.32
C TRP A 18 -3.77 -1.23 4.18
N GLY A 19 -4.80 -0.41 4.08
CA GLY A 19 -6.16 -0.91 3.83
C GLY A 19 -6.32 -1.28 2.38
N GLU A 20 -5.71 -0.51 1.51
CA GLU A 20 -5.69 -0.81 0.07
C GLU A 20 -4.78 -1.98 -0.22
N ALA A 21 -3.78 -2.18 0.60
CA ALA A 21 -2.86 -3.31 0.44
C ALA A 21 -3.49 -4.59 0.91
N PHE A 22 -4.43 -4.50 1.83
CA PHE A 22 -5.21 -5.66 2.25
C PHE A 22 -6.25 -6.01 1.21
N SER A 23 -6.72 -4.99 0.51
CA SER A 23 -7.61 -5.18 -0.63
C SER A 23 -6.82 -5.62 -1.85
N ALA A 24 -5.56 -5.24 -1.90
CA ALA A 24 -4.66 -5.69 -2.95
C ALA A 24 -4.08 -7.05 -2.64
N GLY A 25 -4.02 -7.40 -1.37
CA GLY A 25 -3.58 -8.73 -0.96
C GLY A 25 -4.73 -9.70 -1.09
N VAL A 26 -5.88 -9.26 -0.59
CA VAL A 26 -7.13 -9.98 -0.78
C VAL A 26 -7.39 -10.22 -2.25
N HIS A 27 -7.01 -9.24 -3.05
CA HIS A 27 -7.12 -9.34 -4.50
C HIS A 27 -6.13 -10.33 -5.06
N ARG A 28 -4.96 -10.40 -4.45
CA ARG A 28 -3.96 -11.39 -4.81
C ARG A 28 -4.52 -12.78 -4.72
N LEU A 29 -5.15 -13.07 -3.60
CA LEU A 29 -5.78 -14.37 -3.38
C LEU A 29 -7.07 -14.49 -4.15
N ALA A 30 -7.77 -13.39 -4.32
CA ALA A 30 -9.10 -13.40 -4.94
C ALA A 30 -9.04 -13.10 -6.42
N ASN A 31 -7.90 -13.33 -7.05
CA ASN A 31 -7.78 -13.18 -8.49
C ASN A 31 -8.86 -13.95 -9.21
N GLY A 32 -9.22 -15.09 -8.66
CA GLY A 32 -10.20 -15.98 -9.28
C GLY A 32 -11.60 -15.63 -8.84
N GLY A 33 -11.85 -15.76 -7.55
CA GLY A 33 -13.13 -15.39 -6.97
C GLY A 33 -14.17 -16.46 -7.21
N ASN A 34 -13.95 -17.62 -6.63
CA ASN A 34 -14.85 -18.77 -6.82
C ASN A 34 -15.73 -18.96 -5.61
N GLY A 35 -16.09 -17.87 -4.96
CA GLY A 35 -16.92 -17.91 -3.77
C GLY A 35 -16.09 -17.95 -2.52
N PHE A 36 -15.67 -16.78 -2.07
CA PHE A 36 -14.88 -16.66 -0.84
C PHE A 36 -15.77 -16.34 0.34
N TRP A 37 -16.73 -15.47 0.13
CA TRP A 37 -17.69 -15.10 1.16
C TRP A 37 -18.82 -16.09 1.22
N LYS A 1 12.76 -2.61 -0.19
CA LYS A 1 12.77 -2.93 -1.61
C LYS A 1 12.27 -1.78 -2.44
N TYR A 2 12.70 -1.75 -3.70
CA TYR A 2 12.21 -0.77 -4.67
C TYR A 2 11.65 -1.47 -5.89
N TYR A 3 10.98 -2.58 -5.66
CA TYR A 3 10.50 -3.45 -6.72
C TYR A 3 9.06 -3.15 -7.08
N GLY A 4 8.62 -1.94 -6.81
CA GLY A 4 7.22 -1.58 -7.01
C GLY A 4 6.29 -2.56 -6.34
N ASN A 5 6.53 -2.80 -5.06
CA ASN A 5 5.74 -3.76 -4.29
C ASN A 5 5.36 -3.20 -2.93
N GLY A 6 6.35 -2.70 -2.22
CA GLY A 6 6.14 -2.25 -0.85
C GLY A 6 6.30 -0.73 -0.77
N VAL A 7 7.48 -0.27 -1.09
CA VAL A 7 7.81 1.16 -0.96
C VAL A 7 6.82 2.00 -1.72
N HIS A 8 6.87 1.91 -3.04
CA HIS A 8 5.91 2.60 -3.89
C HIS A 8 5.96 4.10 -3.67
N CYS A 9 7.12 4.68 -3.91
CA CYS A 9 7.29 6.13 -3.86
C CYS A 9 7.30 6.73 -5.24
N THR A 10 6.46 7.73 -5.45
CA THR A 10 6.29 8.31 -6.78
C THR A 10 6.83 9.73 -6.82
N LYS A 11 8.13 9.86 -6.62
CA LYS A 11 8.84 11.12 -6.74
C LYS A 11 8.09 12.26 -6.06
N SER A 12 7.80 12.07 -4.78
CA SER A 12 7.12 13.09 -3.99
C SER A 12 6.85 12.59 -2.58
N GLY A 13 6.16 11.47 -2.49
CA GLY A 13 5.90 10.81 -1.21
C GLY A 13 6.03 9.31 -1.35
N CYS A 14 5.40 8.60 -0.44
CA CYS A 14 5.51 7.14 -0.38
C CYS A 14 4.18 6.52 -0.01
N SER A 15 3.60 7.00 1.07
CA SER A 15 2.28 6.56 1.50
C SER A 15 2.28 5.18 2.09
N VAL A 16 3.45 4.65 2.41
CA VAL A 16 3.54 3.35 3.10
C VAL A 16 3.40 3.53 4.60
N ASN A 17 2.18 3.40 5.09
CA ASN A 17 1.92 3.44 6.52
C ASN A 17 2.29 2.12 7.17
N TRP A 18 2.82 2.19 8.38
CA TRP A 18 3.23 0.99 9.11
C TRP A 18 2.05 0.35 9.81
N GLY A 19 1.15 1.17 10.32
CA GLY A 19 -0.09 0.68 10.90
C GLY A 19 -1.00 0.13 9.82
N GLU A 20 -1.12 0.88 8.73
CA GLU A 20 -1.85 0.43 7.56
C GLU A 20 -1.15 -0.71 6.86
N ALA A 21 0.12 -0.93 7.16
CA ALA A 21 0.84 -2.09 6.64
C ALA A 21 0.42 -3.35 7.33
N PHE A 22 -0.02 -3.24 8.57
CA PHE A 22 -0.59 -4.37 9.29
C PHE A 22 -2.02 -4.58 8.86
N SER A 23 -2.67 -3.52 8.42
CA SER A 23 -3.99 -3.61 7.79
C SER A 23 -3.85 -4.12 6.38
N ALA A 24 -2.71 -3.89 5.77
CA ALA A 24 -2.39 -4.43 4.45
C ALA A 24 -1.86 -5.84 4.55
N GLY A 25 -1.21 -6.15 5.65
CA GLY A 25 -0.75 -7.52 5.90
C GLY A 25 -1.96 -8.35 6.30
N VAL A 26 -2.81 -7.73 7.10
CA VAL A 26 -4.11 -8.30 7.43
C VAL A 26 -4.93 -8.49 6.19
N HIS A 27 -4.84 -7.52 5.30
CA HIS A 27 -5.61 -7.49 4.06
C HIS A 27 -5.07 -8.46 3.03
N ARG A 28 -3.85 -8.93 3.23
CA ARG A 28 -3.29 -9.99 2.38
C ARG A 28 -3.72 -11.36 2.84
N LEU A 29 -3.43 -11.68 4.09
CA LEU A 29 -3.89 -12.92 4.70
C LEU A 29 -5.38 -13.07 4.56
N ALA A 30 -6.08 -11.96 4.75
CA ALA A 30 -7.52 -11.91 4.57
C ALA A 30 -7.89 -11.82 3.10
N ASN A 31 -7.07 -11.16 2.32
CA ASN A 31 -7.38 -10.90 0.91
C ASN A 31 -8.75 -10.29 0.76
N GLY A 32 -9.27 -9.72 1.83
CA GLY A 32 -10.64 -9.19 1.85
C GLY A 32 -11.13 -9.02 3.28
N GLY A 33 -10.97 -7.81 3.80
CA GLY A 33 -11.35 -7.50 5.17
C GLY A 33 -12.78 -7.91 5.45
N ASN A 34 -13.68 -7.55 4.55
CA ASN A 34 -15.07 -7.98 4.61
C ASN A 34 -15.83 -7.24 5.67
N GLY A 35 -15.52 -5.96 5.84
CA GLY A 35 -16.28 -5.11 6.74
C GLY A 35 -15.38 -4.19 7.54
N PHE A 36 -14.80 -3.22 6.88
CA PHE A 36 -13.96 -2.21 7.54
C PHE A 36 -14.30 -0.82 7.07
N TRP A 37 -14.39 -0.66 5.75
CA TRP A 37 -14.68 0.63 5.15
C TRP A 37 -15.93 0.55 4.30
N LYS A 1 6.29 -10.31 -5.15
CA LYS A 1 5.05 -10.02 -5.87
C LYS A 1 4.06 -9.30 -4.98
N TYR A 2 3.93 -8.01 -5.18
CA TYR A 2 2.93 -7.21 -4.48
C TYR A 2 1.98 -6.49 -5.42
N TYR A 3 2.16 -6.65 -6.72
CA TYR A 3 1.35 -6.02 -7.76
C TYR A 3 0.72 -4.72 -7.32
N GLY A 4 1.56 -3.83 -6.82
CA GLY A 4 1.14 -2.49 -6.46
C GLY A 4 0.44 -2.46 -5.12
N ASN A 5 0.79 -1.48 -4.31
CA ASN A 5 0.11 -1.25 -3.02
C ASN A 5 0.26 0.19 -2.59
N GLY A 6 1.49 0.57 -2.28
CA GLY A 6 1.79 1.93 -1.85
C GLY A 6 3.08 1.99 -1.08
N VAL A 7 4.12 1.40 -1.64
CA VAL A 7 5.46 1.45 -1.05
C VAL A 7 6.52 1.52 -2.11
N HIS A 8 6.45 2.55 -2.93
CA HIS A 8 7.41 2.76 -4.01
C HIS A 8 7.56 4.24 -4.30
N CYS A 9 8.33 4.90 -3.44
CA CYS A 9 8.62 6.32 -3.54
C CYS A 9 8.95 6.72 -4.96
N THR A 10 7.97 7.32 -5.63
CA THR A 10 8.10 7.65 -7.04
C THR A 10 7.83 9.13 -7.28
N LYS A 11 6.78 9.63 -6.66
CA LYS A 11 6.34 11.01 -6.88
C LYS A 11 6.89 11.91 -5.78
N SER A 12 6.03 12.22 -4.84
CA SER A 12 6.39 13.11 -3.73
C SER A 12 6.08 12.47 -2.40
N GLY A 13 6.48 11.22 -2.25
CA GLY A 13 6.35 10.51 -0.99
C GLY A 13 6.00 9.06 -1.21
N CYS A 14 6.26 8.24 -0.22
CA CYS A 14 5.96 6.81 -0.28
C CYS A 14 4.49 6.55 -0.01
N SER A 15 4.02 7.05 1.10
CA SER A 15 2.62 6.98 1.51
C SER A 15 2.32 5.65 2.16
N VAL A 16 3.32 5.06 2.78
CA VAL A 16 3.17 3.75 3.41
C VAL A 16 2.30 3.82 4.63
N ASN A 17 1.57 2.76 4.90
CA ASN A 17 0.64 2.72 6.03
C ASN A 17 1.38 2.48 7.32
N TRP A 18 1.38 3.49 8.17
CA TRP A 18 2.15 3.45 9.42
C TRP A 18 1.34 2.86 10.55
N GLY A 19 0.03 2.96 10.45
CA GLY A 19 -0.86 2.32 11.42
C GLY A 19 -1.02 0.85 11.11
N GLU A 20 -0.96 0.51 9.83
CA GLU A 20 -1.02 -0.87 9.40
C GLU A 20 0.28 -1.59 9.69
N ALA A 21 1.38 -0.86 9.64
CA ALA A 21 2.69 -1.41 10.01
C ALA A 21 2.86 -1.48 11.50
N PHE A 22 2.10 -0.70 12.24
CA PHE A 22 2.09 -0.78 13.69
C PHE A 22 1.27 -1.98 14.13
N SER A 23 0.28 -2.31 13.34
CA SER A 23 -0.51 -3.53 13.57
C SER A 23 0.25 -4.74 13.07
N ALA A 24 1.11 -4.53 12.09
CA ALA A 24 1.99 -5.60 11.60
C ALA A 24 3.25 -5.70 12.42
N GLY A 25 3.61 -4.65 13.13
CA GLY A 25 4.73 -4.69 14.06
C GLY A 25 4.26 -5.25 15.39
N VAL A 26 3.11 -4.76 15.82
CA VAL A 26 2.43 -5.30 17.00
C VAL A 26 2.21 -6.79 16.83
N HIS A 27 1.87 -7.18 15.62
CA HIS A 27 1.72 -8.60 15.29
C HIS A 27 3.05 -9.31 15.32
N ARG A 28 4.08 -8.63 14.86
CA ARG A 28 5.43 -9.18 14.88
C ARG A 28 5.83 -9.63 16.26
N LEU A 29 5.63 -8.75 17.23
CA LEU A 29 5.98 -9.02 18.61
C LEU A 29 5.03 -10.03 19.23
N ALA A 30 3.80 -10.04 18.77
CA ALA A 30 2.76 -10.89 19.36
C ALA A 30 2.72 -12.27 18.76
N ASN A 31 3.79 -12.70 18.11
CA ASN A 31 3.89 -14.06 17.60
C ASN A 31 3.73 -15.07 18.72
N GLY A 32 4.26 -14.73 19.88
CA GLY A 32 4.16 -15.59 21.05
C GLY A 32 3.95 -14.78 22.31
N GLY A 33 2.97 -13.89 22.27
CA GLY A 33 2.63 -13.05 23.41
C GLY A 33 1.27 -13.39 23.95
N ASN A 34 0.33 -13.60 23.05
CA ASN A 34 -1.07 -13.85 23.43
C ASN A 34 -1.64 -12.67 24.18
N GLY A 35 -1.16 -11.48 23.86
CA GLY A 35 -1.61 -10.26 24.55
C GLY A 35 -2.81 -9.67 23.86
N PHE A 36 -2.70 -9.50 22.55
CA PHE A 36 -3.80 -8.97 21.74
C PHE A 36 -4.32 -9.98 20.73
N TRP A 37 -3.83 -11.19 20.76
CA TRP A 37 -4.18 -12.21 19.76
C TRP A 37 -4.09 -11.65 18.36
N LYS A 1 10.42 3.37 9.40
CA LYS A 1 10.71 3.44 7.98
C LYS A 1 10.61 2.08 7.33
N TYR A 2 10.18 2.05 6.09
CA TYR A 2 9.99 0.80 5.36
C TYR A 2 9.40 1.05 3.99
N TYR A 3 10.21 1.55 3.08
CA TYR A 3 9.77 1.96 1.75
C TYR A 3 9.97 0.86 0.74
N GLY A 4 10.11 -0.37 1.20
CA GLY A 4 10.48 -1.49 0.33
C GLY A 4 9.35 -1.91 -0.59
N ASN A 5 9.18 -3.22 -0.71
CA ASN A 5 8.23 -3.79 -1.65
C ASN A 5 6.81 -3.47 -1.25
N GLY A 6 6.08 -2.83 -2.14
CA GLY A 6 4.68 -2.49 -1.91
C GLY A 6 4.56 -1.14 -1.26
N VAL A 7 5.39 -0.20 -1.68
CA VAL A 7 5.31 1.17 -1.21
C VAL A 7 5.24 2.14 -2.38
N HIS A 8 6.13 1.96 -3.33
CA HIS A 8 6.20 2.86 -4.48
C HIS A 8 6.52 4.27 -4.05
N CYS A 9 7.72 4.45 -3.52
CA CYS A 9 8.20 5.78 -3.11
C CYS A 9 8.70 6.56 -4.31
N THR A 10 7.84 7.39 -4.87
CA THR A 10 8.13 8.12 -6.09
C THR A 10 8.50 9.56 -5.77
N LYS A 11 8.39 10.44 -6.75
CA LYS A 11 8.71 11.86 -6.55
C LYS A 11 7.47 12.66 -6.26
N SER A 12 6.55 12.08 -5.51
CA SER A 12 5.36 12.78 -5.06
C SER A 12 5.11 12.52 -3.59
N GLY A 13 5.26 11.27 -3.19
CA GLY A 13 5.17 10.88 -1.79
C GLY A 13 5.16 9.37 -1.64
N CYS A 14 5.72 8.89 -0.55
CA CYS A 14 5.80 7.45 -0.29
C CYS A 14 4.90 7.08 0.86
N SER A 15 5.30 6.12 1.67
CA SER A 15 4.46 5.59 2.75
C SER A 15 3.04 5.36 2.28
N VAL A 16 2.88 4.50 1.29
CA VAL A 16 1.58 4.30 0.66
C VAL A 16 0.97 2.98 1.08
N ASN A 17 -0.17 3.05 1.74
CA ASN A 17 -0.94 1.85 2.10
C ASN A 17 -2.01 1.59 1.07
N TRP A 18 -1.92 0.44 0.41
CA TRP A 18 -2.82 0.12 -0.69
C TRP A 18 -4.08 -0.54 -0.21
N GLY A 19 -3.98 -1.32 0.84
CA GLY A 19 -5.14 -1.93 1.48
C GLY A 19 -5.99 -0.88 2.15
N GLU A 20 -5.33 0.03 2.85
CA GLU A 20 -6.00 1.11 3.57
C GLU A 20 -6.50 2.17 2.63
N ALA A 21 -5.88 2.29 1.47
CA ALA A 21 -6.32 3.25 0.45
C ALA A 21 -7.47 2.72 -0.36
N PHE A 22 -7.68 1.41 -0.35
CA PHE A 22 -8.86 0.82 -0.96
C PHE A 22 -10.05 0.94 -0.04
N SER A 23 -9.78 0.90 1.26
CA SER A 23 -10.79 1.16 2.27
C SER A 23 -11.02 2.64 2.42
N ALA A 24 -9.98 3.42 2.17
CA ALA A 24 -10.10 4.88 2.16
C ALA A 24 -10.58 5.41 0.82
N GLY A 25 -10.45 4.61 -0.22
CA GLY A 25 -10.99 4.98 -1.53
C GLY A 25 -12.46 4.57 -1.60
N VAL A 26 -12.71 3.36 -1.13
CA VAL A 26 -14.08 2.87 -0.98
C VAL A 26 -14.89 3.80 -0.11
N HIS A 27 -14.25 4.33 0.92
CA HIS A 27 -14.90 5.28 1.82
C HIS A 27 -15.01 6.65 1.17
N ARG A 28 -14.02 6.99 0.38
CA ARG A 28 -14.01 8.25 -0.36
C ARG A 28 -15.23 8.37 -1.24
N LEU A 29 -15.54 7.31 -1.96
CA LEU A 29 -16.63 7.32 -2.93
C LEU A 29 -17.96 7.13 -2.24
N ALA A 30 -17.96 6.33 -1.19
CA ALA A 30 -19.16 6.07 -0.41
C ALA A 30 -19.85 7.36 -0.01
N ASN A 31 -19.07 8.30 0.48
CA ASN A 31 -19.61 9.57 0.97
C ASN A 31 -20.32 10.31 -0.13
N GLY A 32 -19.67 10.42 -1.27
CA GLY A 32 -20.26 11.07 -2.45
C GLY A 32 -20.25 10.13 -3.63
N GLY A 33 -19.14 10.09 -4.34
CA GLY A 33 -19.01 9.26 -5.52
C GLY A 33 -18.14 9.93 -6.57
N ASN A 34 -17.56 9.14 -7.44
CA ASN A 34 -16.64 9.64 -8.45
C ASN A 34 -16.75 8.86 -9.73
N GLY A 35 -16.07 7.73 -9.79
CA GLY A 35 -16.05 6.90 -11.00
C GLY A 35 -15.88 5.44 -10.65
N PHE A 36 -16.84 4.90 -9.91
CA PHE A 36 -16.85 3.50 -9.55
C PHE A 36 -17.86 2.74 -10.38
N TRP A 37 -18.97 3.38 -10.66
CA TRP A 37 -20.03 2.78 -11.46
C TRP A 37 -20.13 3.44 -12.82
N LYS A 1 9.95 2.92 6.50
CA LYS A 1 9.97 1.74 5.64
C LYS A 1 11.35 1.16 5.57
N TYR A 2 11.46 -0.15 5.65
CA TYR A 2 12.76 -0.82 5.71
C TYR A 2 12.65 -2.29 5.39
N TYR A 3 11.67 -2.67 4.59
CA TYR A 3 11.50 -4.06 4.19
C TYR A 3 12.19 -4.39 2.88
N GLY A 4 12.55 -3.35 2.13
CA GLY A 4 13.09 -3.49 0.78
C GLY A 4 12.28 -4.49 -0.02
N ASN A 5 11.06 -4.14 -0.35
CA ASN A 5 10.16 -5.06 -1.05
C ASN A 5 9.04 -4.33 -1.76
N GLY A 6 9.33 -3.15 -2.27
CA GLY A 6 8.37 -2.40 -3.07
C GLY A 6 7.48 -1.54 -2.22
N VAL A 7 8.07 -0.57 -1.55
CA VAL A 7 7.33 0.32 -0.66
C VAL A 7 6.49 1.33 -1.40
N HIS A 8 6.54 1.34 -2.73
CA HIS A 8 5.67 2.19 -3.53
C HIS A 8 6.00 3.65 -3.30
N CYS A 9 6.95 4.15 -4.07
CA CYS A 9 7.39 5.54 -3.95
C CYS A 9 7.12 6.31 -5.22
N THR A 10 6.99 7.61 -5.08
CA THR A 10 6.82 8.50 -6.23
C THR A 10 7.82 9.64 -6.19
N LYS A 11 7.54 10.68 -6.96
CA LYS A 11 8.40 11.85 -7.00
C LYS A 11 7.88 12.94 -6.10
N SER A 12 7.42 12.55 -4.93
CA SER A 12 6.99 13.51 -3.91
C SER A 12 6.86 12.84 -2.56
N GLY A 13 6.14 11.74 -2.52
CA GLY A 13 5.92 10.99 -1.29
C GLY A 13 5.42 9.60 -1.58
N CYS A 14 5.78 8.67 -0.72
CA CYS A 14 5.46 7.25 -0.93
C CYS A 14 4.12 6.91 -0.31
N SER A 15 4.07 6.90 1.01
CA SER A 15 2.82 6.70 1.73
C SER A 15 2.31 5.29 1.54
N VAL A 16 2.55 4.45 2.54
CA VAL A 16 2.22 3.03 2.45
C VAL A 16 0.83 2.76 2.97
N ASN A 17 -0.06 2.37 2.08
CA ASN A 17 -1.41 1.96 2.45
C ASN A 17 -1.41 0.61 3.13
N TRP A 18 -2.39 0.39 3.99
CA TRP A 18 -2.50 -0.85 4.73
C TRP A 18 -3.67 -1.67 4.27
N GLY A 19 -4.80 -1.02 4.05
CA GLY A 19 -5.97 -1.67 3.47
C GLY A 19 -5.73 -2.01 2.02
N GLU A 20 -5.16 -1.05 1.30
CA GLU A 20 -4.74 -1.26 -0.08
C GLU A 20 -3.61 -2.25 -0.17
N ALA A 21 -2.84 -2.37 0.90
CA ALA A 21 -1.78 -3.38 0.99
C ALA A 21 -2.36 -4.77 1.12
N PHE A 22 -3.56 -4.86 1.66
CA PHE A 22 -4.28 -6.14 1.71
C PHE A 22 -4.85 -6.45 0.35
N SER A 23 -5.14 -5.43 -0.42
CA SER A 23 -5.56 -5.59 -1.81
C SER A 23 -4.35 -5.88 -2.68
N ALA A 24 -3.20 -5.37 -2.26
CA ALA A 24 -1.93 -5.66 -2.94
C ALA A 24 -1.34 -6.98 -2.49
N GLY A 25 -1.72 -7.44 -1.32
CA GLY A 25 -1.32 -8.77 -0.84
C GLY A 25 -2.25 -9.82 -1.42
N VAL A 26 -3.53 -9.48 -1.36
CA VAL A 26 -4.55 -10.30 -2.01
C VAL A 26 -4.23 -10.50 -3.48
N HIS A 27 -3.67 -9.46 -4.08
CA HIS A 27 -3.20 -9.53 -5.46
C HIS A 27 -1.95 -10.37 -5.57
N ARG A 28 -1.07 -10.24 -4.59
CA ARG A 28 0.15 -11.02 -4.53
C ARG A 28 -0.15 -12.49 -4.67
N LEU A 29 -1.25 -12.92 -4.07
CA LEU A 29 -1.69 -14.31 -4.17
C LEU A 29 -2.44 -14.55 -5.46
N ALA A 30 -3.09 -13.52 -5.97
CA ALA A 30 -3.81 -13.61 -7.24
C ALA A 30 -2.94 -13.24 -8.42
N ASN A 31 -1.63 -13.33 -8.27
CA ASN A 31 -0.71 -13.10 -9.38
C ASN A 31 -1.10 -13.95 -10.57
N GLY A 32 -1.64 -15.12 -10.30
CA GLY A 32 -2.13 -16.00 -11.37
C GLY A 32 -3.60 -15.82 -11.59
N GLY A 33 -4.39 -16.37 -10.68
CA GLY A 33 -5.85 -16.22 -10.73
C GLY A 33 -6.41 -15.90 -9.36
N ASN A 34 -6.82 -16.93 -8.65
CA ASN A 34 -7.33 -16.78 -7.30
C ASN A 34 -6.35 -17.32 -6.28
N GLY A 35 -6.34 -18.63 -6.12
CA GLY A 35 -5.40 -19.30 -5.23
C GLY A 35 -5.69 -18.96 -3.78
N PHE A 36 -6.91 -19.24 -3.36
CA PHE A 36 -7.30 -19.06 -1.97
C PHE A 36 -7.73 -20.37 -1.36
N TRP A 37 -8.71 -21.01 -1.97
CA TRP A 37 -9.25 -22.27 -1.48
C TRP A 37 -8.49 -23.45 -2.06
N LYS A 1 12.38 1.73 1.70
CA LYS A 1 11.99 1.05 0.47
C LYS A 1 12.95 -0.06 0.12
N TYR A 2 12.41 -1.18 -0.35
CA TYR A 2 13.24 -2.28 -0.83
C TYR A 2 12.64 -2.99 -2.01
N TYR A 3 11.69 -2.37 -2.69
CA TYR A 3 10.94 -2.92 -3.82
C TYR A 3 10.94 -4.43 -3.83
N GLY A 4 10.51 -4.99 -2.71
CA GLY A 4 10.33 -6.45 -2.58
C GLY A 4 9.00 -6.79 -1.97
N ASN A 5 8.67 -6.17 -0.86
CA ASN A 5 7.45 -6.46 -0.13
C ASN A 5 6.31 -5.62 -0.66
N GLY A 6 6.60 -4.39 -1.02
CA GLY A 6 5.63 -3.45 -1.56
C GLY A 6 5.79 -2.08 -0.91
N VAL A 7 6.42 -1.20 -1.66
CA VAL A 7 6.70 0.16 -1.21
C VAL A 7 6.43 1.17 -2.31
N HIS A 8 7.30 1.16 -3.32
CA HIS A 8 7.11 1.99 -4.49
C HIS A 8 6.95 3.44 -4.12
N CYS A 9 8.02 4.06 -3.67
CA CYS A 9 8.02 5.48 -3.33
C CYS A 9 8.30 6.33 -4.54
N THR A 10 7.35 7.17 -4.89
CA THR A 10 7.49 8.04 -6.07
C THR A 10 6.54 9.21 -5.99
N LYS A 11 6.89 10.28 -6.68
CA LYS A 11 6.03 11.46 -6.76
C LYS A 11 5.73 12.00 -5.39
N SER A 12 6.68 12.72 -4.83
CA SER A 12 6.49 13.39 -3.54
C SER A 12 6.39 12.39 -2.42
N GLY A 13 7.48 11.68 -2.17
CA GLY A 13 7.56 10.74 -1.07
C GLY A 13 6.80 9.47 -1.38
N CYS A 14 6.38 8.78 -0.32
CA CYS A 14 5.64 7.53 -0.47
C CYS A 14 4.16 7.78 -0.35
N SER A 15 3.70 7.98 0.87
CA SER A 15 2.28 8.12 1.17
C SER A 15 1.47 7.04 0.50
N VAL A 16 1.87 5.80 0.69
CA VAL A 16 1.25 4.67 0.02
C VAL A 16 0.21 4.02 0.87
N ASN A 17 -0.83 3.49 0.24
CA ASN A 17 -1.86 2.72 0.93
C ASN A 17 -1.57 1.23 0.84
N TRP A 18 -2.58 0.42 1.05
CA TRP A 18 -2.41 -1.03 1.04
C TRP A 18 -3.62 -1.74 0.47
N GLY A 19 -4.81 -1.29 0.84
CA GLY A 19 -6.04 -1.80 0.26
C GLY A 19 -6.22 -1.27 -1.15
N GLU A 20 -5.84 -0.04 -1.35
CA GLU A 20 -5.84 0.58 -2.67
C GLU A 20 -4.72 0.05 -3.53
N ALA A 21 -3.66 -0.42 -2.92
CA ALA A 21 -2.55 -1.02 -3.65
C ALA A 21 -2.82 -2.48 -3.99
N PHE A 22 -3.78 -3.09 -3.33
CA PHE A 22 -4.23 -4.43 -3.70
C PHE A 22 -5.26 -4.35 -4.80
N SER A 23 -5.97 -3.24 -4.85
CA SER A 23 -6.88 -2.94 -5.95
C SER A 23 -6.10 -2.33 -7.11
N ALA A 24 -4.99 -1.69 -6.81
CA ALA A 24 -4.11 -1.16 -7.84
C ALA A 24 -3.12 -2.20 -8.30
N GLY A 25 -2.80 -3.14 -7.43
CA GLY A 25 -1.97 -4.29 -7.81
C GLY A 25 -2.80 -5.24 -8.65
N VAL A 26 -4.04 -5.39 -8.20
CA VAL A 26 -5.05 -6.13 -8.95
C VAL A 26 -5.08 -5.67 -10.39
N HIS A 27 -5.41 -4.40 -10.57
CA HIS A 27 -5.61 -3.80 -11.88
C HIS A 27 -4.30 -3.70 -12.63
N ARG A 28 -3.21 -3.59 -11.90
CA ARG A 28 -1.87 -3.61 -12.52
C ARG A 28 -1.67 -4.88 -13.32
N LEU A 29 -2.19 -5.98 -12.79
CA LEU A 29 -2.17 -7.26 -13.49
C LEU A 29 -3.29 -7.32 -14.50
N ALA A 30 -4.46 -6.84 -14.10
CA ALA A 30 -5.66 -6.92 -14.92
C ALA A 30 -5.50 -6.24 -16.26
N ASN A 31 -4.53 -5.36 -16.40
CA ASN A 31 -4.36 -4.56 -17.60
C ASN A 31 -4.31 -5.43 -18.84
N GLY A 32 -3.58 -6.53 -18.74
CA GLY A 32 -3.52 -7.50 -19.83
C GLY A 32 -3.13 -8.87 -19.31
N GLY A 33 -3.82 -9.32 -18.28
CA GLY A 33 -3.49 -10.58 -17.62
C GLY A 33 -4.37 -11.70 -18.10
N ASN A 34 -5.66 -11.61 -17.77
CA ASN A 34 -6.61 -12.66 -18.10
C ASN A 34 -6.23 -13.96 -17.42
N GLY A 35 -5.63 -13.85 -16.25
CA GLY A 35 -5.12 -15.01 -15.52
C GLY A 35 -6.14 -15.51 -14.53
N PHE A 36 -6.57 -14.64 -13.64
CA PHE A 36 -7.57 -14.99 -12.63
C PHE A 36 -8.97 -14.87 -13.19
N TRP A 37 -9.20 -13.82 -13.95
CA TRP A 37 -10.52 -13.53 -14.50
C TRP A 37 -10.42 -12.80 -15.81
N LYS A 1 4.94 -5.40 5.63
CA LYS A 1 4.79 -6.48 4.66
C LYS A 1 5.65 -6.24 3.45
N TYR A 2 5.95 -7.31 2.73
CA TYR A 2 6.71 -7.21 1.48
C TYR A 2 6.34 -8.32 0.53
N TYR A 3 5.08 -8.71 0.55
CA TYR A 3 4.59 -9.75 -0.36
C TYR A 3 3.84 -9.15 -1.52
N GLY A 4 4.34 -8.05 -2.03
CA GLY A 4 3.65 -7.29 -3.07
C GLY A 4 3.95 -5.81 -2.95
N ASN A 5 4.05 -5.16 -4.08
CA ASN A 5 4.21 -3.70 -4.15
C ASN A 5 3.13 -2.99 -3.35
N GLY A 6 3.17 -1.68 -3.42
CA GLY A 6 2.33 -0.80 -2.62
C GLY A 6 3.19 0.15 -1.80
N VAL A 7 4.49 0.10 -1.99
CA VAL A 7 5.39 1.07 -1.36
C VAL A 7 5.53 2.29 -2.25
N HIS A 8 6.18 2.10 -3.38
CA HIS A 8 6.28 3.13 -4.41
C HIS A 8 6.77 4.44 -3.84
N CYS A 9 8.08 4.56 -3.71
CA CYS A 9 8.71 5.80 -3.29
C CYS A 9 9.02 6.68 -4.48
N THR A 10 7.98 7.27 -5.05
CA THR A 10 8.10 8.08 -6.25
C THR A 10 8.52 9.49 -5.92
N LYS A 11 8.26 10.41 -6.83
CA LYS A 11 8.52 11.82 -6.60
C LYS A 11 7.24 12.55 -6.22
N SER A 12 6.45 11.93 -5.37
CA SER A 12 5.24 12.55 -4.84
C SER A 12 5.07 12.24 -3.38
N GLY A 13 5.16 10.96 -3.04
CA GLY A 13 5.05 10.51 -1.65
C GLY A 13 5.29 9.03 -1.54
N CYS A 14 5.94 8.62 -0.47
CA CYS A 14 6.15 7.21 -0.17
C CYS A 14 4.92 6.62 0.49
N SER A 15 4.59 7.13 1.66
CA SER A 15 3.50 6.58 2.46
C SER A 15 3.86 5.23 3.01
N VAL A 16 4.74 5.23 4.00
CA VAL A 16 5.27 3.98 4.56
C VAL A 16 5.52 4.11 6.04
N ASN A 17 5.60 2.99 6.72
CA ASN A 17 5.96 2.96 8.14
C ASN A 17 7.42 2.62 8.32
N TRP A 18 8.17 3.58 8.82
CA TRP A 18 9.62 3.42 8.95
C TRP A 18 10.00 2.94 10.32
N GLY A 19 9.18 3.26 11.31
CA GLY A 19 9.38 2.74 12.67
C GLY A 19 8.92 1.31 12.77
N GLU A 20 7.87 0.99 12.04
CA GLU A 20 7.38 -0.38 11.97
C GLU A 20 8.38 -1.27 11.25
N ALA A 21 9.06 -0.71 10.26
CA ALA A 21 10.09 -1.43 9.52
C ALA A 21 11.34 -1.60 10.34
N PHE A 22 11.54 -0.74 11.34
CA PHE A 22 12.64 -0.90 12.28
C PHE A 22 12.34 -2.02 13.25
N SER A 23 11.06 -2.20 13.54
CA SER A 23 10.60 -3.33 14.34
C SER A 23 10.65 -4.60 13.53
N ALA A 24 10.44 -4.48 12.24
CA ALA A 24 10.52 -5.62 11.33
C ALA A 24 11.94 -5.89 10.90
N GLY A 25 12.80 -4.89 10.96
CA GLY A 25 14.22 -5.10 10.69
C GLY A 25 14.90 -5.63 11.94
N VAL A 26 14.52 -5.05 13.06
CA VAL A 26 14.95 -5.55 14.36
C VAL A 26 14.64 -7.02 14.50
N HIS A 27 13.47 -7.41 14.03
CA HIS A 27 13.07 -8.81 14.03
C HIS A 27 13.87 -9.60 13.03
N ARG A 28 14.20 -8.98 11.91
CA ARG A 28 15.06 -9.59 10.90
C ARG A 28 16.35 -10.07 11.51
N LEU A 29 16.90 -9.26 12.41
CA LEU A 29 18.14 -9.62 13.10
C LEU A 29 17.89 -10.67 14.16
N ALA A 30 16.78 -10.51 14.86
CA ALA A 30 16.47 -11.39 16.00
C ALA A 30 15.83 -12.68 15.53
N ASN A 31 14.52 -12.64 15.37
CA ASN A 31 13.76 -13.85 15.02
C ASN A 31 14.07 -14.99 15.96
N GLY A 32 14.64 -14.69 17.11
CA GLY A 32 15.11 -15.72 18.04
C GLY A 32 13.94 -16.48 18.63
N GLY A 33 12.93 -15.75 19.05
CA GLY A 33 11.72 -16.35 19.62
C GLY A 33 11.14 -15.49 20.72
N ASN A 34 12.01 -14.86 21.48
CA ASN A 34 11.59 -14.08 22.65
C ASN A 34 11.61 -12.60 22.35
N GLY A 35 12.80 -12.01 22.42
CA GLY A 35 12.94 -10.56 22.23
C GLY A 35 14.00 -10.26 21.19
N PHE A 36 15.25 -10.51 21.56
CA PHE A 36 16.38 -10.18 20.70
C PHE A 36 17.54 -11.11 20.98
N TRP A 37 17.88 -11.26 22.25
CA TRP A 37 18.99 -12.10 22.67
C TRP A 37 18.54 -13.54 22.82
N LYS A 1 3.51 -6.06 -11.13
CA LYS A 1 3.35 -5.61 -9.75
C LYS A 1 4.51 -4.75 -9.32
N TYR A 2 4.24 -3.83 -8.42
CA TYR A 2 5.26 -2.92 -7.90
C TYR A 2 4.84 -2.32 -6.58
N TYR A 3 4.32 -3.15 -5.70
CA TYR A 3 3.82 -2.68 -4.41
C TYR A 3 4.90 -2.08 -3.51
N GLY A 4 6.14 -2.36 -3.85
CA GLY A 4 7.31 -1.88 -3.12
C GLY A 4 7.11 -1.74 -1.63
N ASN A 5 6.43 -2.70 -1.05
CA ASN A 5 6.04 -2.66 0.36
C ASN A 5 4.94 -1.64 0.58
N GLY A 6 5.31 -0.39 0.75
CA GLY A 6 4.33 0.69 0.84
C GLY A 6 3.72 0.99 -0.51
N VAL A 7 4.48 1.67 -1.35
CA VAL A 7 3.97 2.12 -2.65
C VAL A 7 5.03 1.99 -3.72
N HIS A 8 6.13 2.68 -3.53
CA HIS A 8 7.24 2.90 -4.46
C HIS A 8 7.66 4.35 -4.37
N CYS A 9 8.40 4.66 -3.32
CA CYS A 9 8.78 6.05 -3.02
C CYS A 9 9.57 6.67 -4.14
N THR A 10 8.87 7.39 -5.01
CA THR A 10 9.50 8.15 -6.08
C THR A 10 8.48 8.99 -6.83
N LYS A 11 7.44 9.42 -6.14
CA LYS A 11 6.34 10.14 -6.80
C LYS A 11 5.71 11.15 -5.87
N SER A 12 6.50 11.73 -5.00
CA SER A 12 6.07 12.81 -4.10
C SER A 12 5.53 12.27 -2.80
N GLY A 13 5.00 11.07 -2.80
CA GLY A 13 4.55 10.41 -1.58
C GLY A 13 5.08 9.00 -1.49
N CYS A 14 5.81 8.73 -0.43
CA CYS A 14 6.44 7.43 -0.23
C CYS A 14 5.55 6.51 0.58
N SER A 15 5.18 6.98 1.76
CA SER A 15 4.20 6.31 2.62
C SER A 15 2.80 6.81 2.32
N VAL A 16 2.42 6.69 1.06
CA VAL A 16 1.15 7.21 0.55
C VAL A 16 -0.04 6.67 1.31
N ASN A 17 -0.95 7.58 1.64
CA ASN A 17 -2.25 7.24 2.21
C ASN A 17 -3.29 7.18 1.13
N TRP A 18 -4.53 7.52 1.46
CA TRP A 18 -5.58 7.62 0.44
C TRP A 18 -6.49 8.80 0.72
N GLY A 19 -6.84 9.01 1.98
CA GLY A 19 -7.59 10.19 2.37
C GLY A 19 -6.68 11.39 2.42
N GLU A 20 -5.47 11.16 2.95
CA GLU A 20 -4.42 12.16 2.97
C GLU A 20 -3.82 12.36 1.59
N ALA A 21 -3.92 11.36 0.74
CA ALA A 21 -3.43 11.48 -0.64
C ALA A 21 -4.40 12.27 -1.49
N PHE A 22 -5.66 12.29 -1.11
CA PHE A 22 -6.64 13.14 -1.77
C PHE A 22 -6.50 14.58 -1.29
N SER A 23 -6.07 14.72 -0.06
CA SER A 23 -5.73 16.04 0.49
C SER A 23 -4.38 16.48 -0.02
N ALA A 24 -3.53 15.53 -0.35
CA ALA A 24 -2.23 15.82 -0.96
C ALA A 24 -2.35 15.97 -2.45
N GLY A 25 -3.37 15.39 -3.05
CA GLY A 25 -3.64 15.58 -4.47
C GLY A 25 -4.40 16.88 -4.67
N VAL A 26 -5.36 17.08 -3.79
CA VAL A 26 -6.09 18.35 -3.73
C VAL A 26 -5.13 19.51 -3.57
N HIS A 27 -4.12 19.30 -2.75
CA HIS A 27 -3.06 20.30 -2.58
C HIS A 27 -2.24 20.44 -3.85
N ARG A 28 -1.95 19.32 -4.48
CA ARG A 28 -1.10 19.32 -5.67
C ARG A 28 -1.65 20.24 -6.73
N LEU A 29 -2.97 20.30 -6.81
CA LEU A 29 -3.64 21.21 -7.74
C LEU A 29 -3.78 22.59 -7.15
N ALA A 30 -4.03 22.64 -5.86
CA ALA A 30 -4.31 23.90 -5.17
C ALA A 30 -3.03 24.62 -4.82
N ASN A 31 -2.46 24.28 -3.68
CA ASN A 31 -1.29 24.96 -3.14
C ASN A 31 -1.47 26.47 -3.10
N GLY A 32 -2.70 26.91 -3.18
CA GLY A 32 -2.99 28.35 -3.28
C GLY A 32 -4.04 28.75 -2.26
N GLY A 33 -5.15 28.04 -2.26
CA GLY A 33 -6.28 28.37 -1.40
C GLY A 33 -5.84 28.42 0.05
N ASN A 34 -5.24 27.35 0.52
CA ASN A 34 -4.84 27.23 1.92
C ASN A 34 -6.04 27.29 2.85
N GLY A 35 -7.17 26.80 2.36
CA GLY A 35 -8.39 26.76 3.16
C GLY A 35 -9.62 26.73 2.28
N PHE A 36 -10.05 25.54 1.93
CA PHE A 36 -11.26 25.35 1.13
C PHE A 36 -12.49 25.32 2.01
N TRP A 37 -12.45 24.44 3.00
CA TRP A 37 -13.55 24.32 3.96
C TRP A 37 -13.82 25.63 4.65
#